data_8K8T
#
_entry.id   8K8T
#
loop_
_entity.id
_entity.type
_entity.pdbx_description
1 polymer Cullin-3
2 polymer 'Kelch-like protein 22'
#
loop_
_entity_poly.entity_id
_entity_poly.type
_entity_poly.pdbx_seq_one_letter_code
_entity_poly.pdbx_strand_id
1 'polypeptide(L)'
;MSNLSKGTGSRKDTKMRIRAFPMTMDEKYVNSIWDLLKNAIQEIQRKNNSGLSFEELYRNAYTMVLHKHGEKLYTGLREV
VTEHLINKVREDVLNSLNNNFLQTLNQAWNDHQTAMVMIRDILMYMDRVYVQQNNVENVYNLGLIIFRDQVVRYGCIRDH
LRQTLLDMIARERKGEVVDRGAIRNACQMLMILGLEGRSVYEEDFEAPFLEMSAEFFQMESQKFLAENSASVYIKKVEAR
INEEIERVMHCLDKSTEEPIVKVVERELISKHMKTIVEMENSGLVHMLKNGKTEDLGCMYKLFSRVPNGLKTMCECMSSY
LREQGKALVSEEGEGKNPVDYIQGLLDLKSRFDRFLLESFNNDRLFKQTIAGDFEYFLNLNSRSPEYLSLFIDDKLKKGV
KGLTEQEVETILDKAMVLFRFMQEKDVFERYYKQHLARRLLTNKSVSDDSEKNMISKLKTECGCQFTSKLEGMFRDMSIS
NTTMDEFRQHLQATGVSLGGVDLTVRVLTTGYWPTQSATPKCNIPPAPRHAFEIFRRFYLAKHSGRQLTLQHHMGSADLN
ATFYGPVKKEDGSEVGVGGAQVTGSNTRKHILQVSTFQMTILMLFNNREKYTFEEIQQETDIPERELVRALQSLACGKPT
QRVLTKEPKSKEIENGHIFTVNDQFTSKLHRVKIQTVAAKQGESDPERKETRQKVDDDRKHEIEAAIVRIMKSRKKMQHN
VLVAEVTQQLKARFLPSPVVIKKRIEGLIEREYLARTPEDRKVYTYVAKLHHHHHH
;
C,D
2 'polypeptide(L)'
;MSYYHHHHHHDYDIPTTENLYFQGAMMAEEQEFTQLCKLPAQPSHPHCVNNTYRSAQHSQALLRGLLALRDSGILFDVVL
VVEGRHIEAHRILLAASCDYFRGMFAGGLKEMEQEEVLIHGVSYNAMCQILHFIYTSELELSLSNVQETLVAACQLQIPE
IIHFCCDFLMSWVDEENILDVYRLAELFDLSRLTEQLDTYILKNFVAFSRTDKYRQLPLEKVYSLLSSNRLEVSCETEVY
EGALLYHYSLEQVQADQISLHEPPKLLETVRFPLMEAEVLQRLHDKLDPSPLRDTVASALMYHRNESLQPSLQSPQTELR
SDFQCVVGFGGIHSTPSTVLSDQAKYLNPLLGEWKHFTASLAPRMSNQGIAVLNNFVYLIGGDNNVQGFRAESRCWRYDP
RHNRWFQIQSLQQEHADLSVCVVGRYIYAVAGRDYHNDLNAVERYDPATNSWAYVAPLKREVYAHAGATLEGKMYITCGR
RGEDYLKETHCYDPGSNTWHTLADGPVRRAWHGMATLLNKLYVIGGSNNDAGYRRDVHQVACYSCTSGQWSSVCPLPAGH
GEPGIAVLDNRIYVLGGRSHNRGSRTGYVHIYDVEKDCWEEGPQLDNSISGLAACVLTLPRSLLLEPPRGTPDRSQADPD
FASEVMSVSDWEEFDNSSED
;
K,L
#
# COMPACT_ATOMS: atom_id res chain seq x y z
N THR A 14 22.38 -22.32 -1.41
CA THR A 14 21.81 -23.23 -2.40
C THR A 14 22.88 -23.72 -3.36
N LYS A 15 22.97 -25.04 -3.51
CA LYS A 15 23.97 -25.69 -4.35
C LYS A 15 23.29 -26.65 -5.33
N MET A 16 22.22 -26.18 -5.97
CA MET A 16 21.43 -26.98 -6.88
C MET A 16 21.58 -26.44 -8.30
N ARG A 17 21.80 -27.33 -9.25
CA ARG A 17 21.84 -26.95 -10.65
C ARG A 17 20.46 -26.52 -11.13
N ILE A 18 20.44 -25.70 -12.17
CA ILE A 18 19.17 -25.18 -12.69
C ILE A 18 18.73 -26.05 -13.86
N ARG A 19 19.49 -26.01 -14.96
CA ARG A 19 19.37 -26.94 -16.09
C ARG A 19 17.92 -27.29 -16.41
N ALA A 20 17.07 -26.27 -16.50
CA ALA A 20 15.64 -26.47 -16.68
C ALA A 20 15.08 -25.54 -17.75
N PHE A 21 15.79 -25.41 -18.86
CA PHE A 21 15.37 -24.57 -19.98
C PHE A 21 15.33 -25.38 -21.27
N PRO A 22 14.37 -26.32 -21.39
CA PRO A 22 14.19 -27.05 -22.66
C PRO A 22 13.16 -26.38 -23.56
N MET A 23 13.54 -25.27 -24.17
CA MET A 23 12.60 -24.42 -24.90
C MET A 23 12.93 -24.45 -26.39
N THR A 24 11.90 -24.60 -27.22
CA THR A 24 12.04 -24.53 -28.68
C THR A 24 10.69 -24.16 -29.27
N MET A 25 10.69 -23.20 -30.19
CA MET A 25 9.44 -22.68 -30.75
C MET A 25 9.48 -22.36 -32.24
N ASP A 26 10.59 -22.63 -32.93
CA ASP A 26 10.73 -22.16 -34.31
C ASP A 26 9.72 -22.81 -35.25
N GLU A 27 9.01 -22.00 -36.03
CA GLU A 27 8.00 -22.49 -36.96
C GLU A 27 7.64 -21.37 -37.93
N LYS A 28 7.15 -21.76 -39.11
CA LYS A 28 6.73 -20.83 -40.15
C LYS A 28 5.22 -20.82 -40.33
N TYR A 29 4.45 -21.21 -39.31
CA TYR A 29 2.99 -21.12 -39.35
C TYR A 29 2.48 -19.74 -38.99
N VAL A 30 3.34 -18.72 -39.04
CA VAL A 30 2.94 -17.39 -38.59
C VAL A 30 1.90 -16.79 -39.53
N ASN A 31 1.99 -17.11 -40.82
CA ASN A 31 1.05 -16.51 -41.78
C ASN A 31 -0.34 -17.09 -41.62
N SER A 32 -0.44 -18.38 -41.30
CA SER A 32 -1.74 -19.00 -41.11
C SER A 32 -2.49 -18.36 -39.95
N ILE A 33 -1.78 -18.06 -38.86
CA ILE A 33 -2.42 -17.42 -37.72
C ILE A 33 -2.56 -15.92 -37.95
N TRP A 34 -1.74 -15.34 -38.83
CA TRP A 34 -1.97 -13.95 -39.21
C TRP A 34 -3.29 -13.82 -39.95
N ASP A 35 -3.65 -14.82 -40.73
CA ASP A 35 -4.95 -14.80 -41.39
C ASP A 35 -6.07 -14.70 -40.35
N LEU A 36 -5.99 -15.50 -39.28
CA LEU A 36 -7.00 -15.47 -38.24
C LEU A 36 -6.98 -14.13 -37.51
N LEU A 37 -5.80 -13.60 -37.21
CA LEU A 37 -5.73 -12.33 -36.50
C LEU A 37 -6.28 -11.19 -37.35
N LYS A 38 -6.01 -11.22 -38.66
CA LYS A 38 -6.55 -10.20 -39.55
C LYS A 38 -8.06 -10.31 -39.67
N ASN A 39 -8.59 -11.53 -39.73
CA ASN A 39 -10.04 -11.68 -39.71
C ASN A 39 -10.63 -11.13 -38.42
N ALA A 40 -9.97 -11.38 -37.30
CA ALA A 40 -10.45 -10.85 -36.03
C ALA A 40 -10.42 -9.34 -36.01
N ILE A 41 -9.36 -8.74 -36.52
CA ILE A 41 -9.27 -7.28 -36.56
C ILE A 41 -10.36 -6.70 -37.45
N GLN A 42 -10.58 -7.33 -38.61
CA GLN A 42 -11.64 -6.89 -39.50
C GLN A 42 -13.00 -6.97 -38.82
N GLU A 43 -13.24 -8.05 -38.07
CA GLU A 43 -14.50 -8.18 -37.34
C GLU A 43 -14.64 -7.07 -36.30
N ILE A 44 -13.55 -6.75 -35.60
CA ILE A 44 -13.61 -5.68 -34.61
C ILE A 44 -13.88 -4.34 -35.29
N GLN A 45 -13.39 -4.18 -36.52
CA GLN A 45 -13.67 -2.95 -37.26
C GLN A 45 -15.17 -2.76 -37.49
N ARG A 46 -15.90 -3.85 -37.71
CA ARG A 46 -17.32 -3.79 -37.98
C ARG A 46 -18.16 -3.98 -36.72
N LYS A 47 -17.53 -3.97 -35.55
CA LYS A 47 -18.21 -4.00 -34.26
C LYS A 47 -18.96 -5.33 -34.06
N ASN A 48 -18.24 -6.44 -34.20
CA ASN A 48 -18.72 -7.77 -33.88
C ASN A 48 -17.85 -8.42 -32.81
N ASN A 49 -17.51 -7.65 -31.77
CA ASN A 49 -16.58 -8.14 -30.76
C ASN A 49 -17.23 -9.06 -29.73
N SER A 50 -18.54 -9.28 -29.82
CA SER A 50 -19.22 -10.13 -28.86
C SER A 50 -18.86 -11.61 -29.02
N GLY A 51 -18.18 -11.98 -30.10
CA GLY A 51 -17.91 -13.39 -30.34
C GLY A 51 -16.48 -13.72 -30.72
N LEU A 52 -15.50 -13.00 -30.17
CA LEU A 52 -14.09 -13.25 -30.45
C LEU A 52 -13.39 -13.62 -29.15
N SER A 53 -12.67 -14.74 -29.16
CA SER A 53 -11.93 -15.21 -27.96
C SER A 53 -10.72 -14.31 -27.71
N PHE A 54 -10.76 -13.48 -26.67
CA PHE A 54 -9.66 -12.51 -26.39
C PHE A 54 -8.32 -13.24 -26.18
N GLU A 55 -8.28 -14.26 -25.31
CA GLU A 55 -6.99 -14.91 -24.98
C GLU A 55 -6.38 -15.51 -26.26
N GLU A 56 -7.19 -16.12 -27.12
CA GLU A 56 -6.67 -16.77 -28.36
C GLU A 56 -6.06 -15.69 -29.25
N LEU A 57 -6.75 -14.55 -29.39
CA LEU A 57 -6.24 -13.44 -30.24
C LEU A 57 -4.91 -12.95 -29.66
N TYR A 58 -4.84 -12.79 -28.34
CA TYR A 58 -3.57 -12.38 -27.69
C TYR A 58 -2.50 -13.45 -27.93
N ARG A 59 -2.86 -14.71 -27.75
CA ARG A 59 -1.90 -15.84 -27.95
C ARG A 59 -1.33 -15.73 -29.37
N ASN A 60 -2.18 -15.56 -30.38
CA ASN A 60 -1.70 -15.39 -31.77
C ASN A 60 -0.65 -14.27 -31.80
N ALA A 61 -0.98 -13.10 -31.23
CA ALA A 61 -0.03 -11.96 -31.20
C ALA A 61 1.20 -12.34 -30.37
N TYR A 62 1.00 -13.04 -29.25
CA TYR A 62 2.12 -13.43 -28.36
C TYR A 62 3.13 -14.25 -29.18
N THR A 63 2.66 -15.30 -29.86
CA THR A 63 3.56 -16.15 -30.69
C THR A 63 4.13 -15.32 -31.84
N MET A 64 3.27 -14.55 -32.52
CA MET A 64 3.72 -13.68 -33.64
C MET A 64 4.94 -12.89 -33.18
N VAL A 65 4.89 -12.31 -31.98
CA VAL A 65 5.98 -11.47 -31.52
C VAL A 65 7.19 -12.32 -31.12
N LEU A 66 6.95 -13.45 -30.47
CA LEU A 66 8.03 -14.27 -29.96
C LEU A 66 8.90 -14.85 -31.06
N HIS A 67 8.32 -15.19 -32.20
CA HIS A 67 9.10 -15.68 -33.34
C HIS A 67 9.76 -14.56 -34.13
N LYS A 68 9.88 -13.37 -33.54
CA LYS A 68 10.52 -12.20 -34.12
C LYS A 68 9.81 -11.69 -35.36
N HIS A 69 8.55 -12.06 -35.60
CA HIS A 69 7.79 -11.54 -36.73
C HIS A 69 6.98 -10.33 -36.31
N GLY A 70 7.66 -9.35 -35.73
CA GLY A 70 6.98 -8.14 -35.32
C GLY A 70 6.73 -7.19 -36.46
N GLU A 71 7.67 -7.14 -37.41
CA GLU A 71 7.53 -6.24 -38.55
C GLU A 71 6.36 -6.65 -39.43
N LYS A 72 6.18 -7.95 -39.64
CA LYS A 72 5.06 -8.42 -40.45
C LYS A 72 3.75 -8.03 -39.78
N LEU A 73 3.65 -8.22 -38.47
CA LEU A 73 2.43 -7.88 -37.76
C LEU A 73 2.15 -6.39 -37.82
N TYR A 74 3.19 -5.57 -37.65
CA TYR A 74 3.00 -4.12 -37.72
C TYR A 74 2.52 -3.70 -39.10
N THR A 75 3.16 -4.22 -40.15
CA THR A 75 2.76 -3.85 -41.50
C THR A 75 1.34 -4.30 -41.79
N GLY A 76 0.98 -5.50 -41.34
CA GLY A 76 -0.38 -5.98 -41.54
C GLY A 76 -1.40 -5.14 -40.78
N LEU A 77 -1.08 -4.74 -39.56
CA LEU A 77 -2.01 -3.91 -38.79
C LEU A 77 -2.20 -2.55 -39.43
N ARG A 78 -1.11 -1.93 -39.87
CA ARG A 78 -1.23 -0.65 -40.55
C ARG A 78 -2.04 -0.81 -41.84
N GLU A 79 -1.80 -1.88 -42.58
CA GLU A 79 -2.54 -2.10 -43.82
C GLU A 79 -4.02 -2.30 -43.55
N VAL A 80 -4.38 -3.10 -42.54
CA VAL A 80 -5.79 -3.39 -42.31
C VAL A 80 -6.51 -2.15 -41.79
N VAL A 81 -5.86 -1.39 -40.90
CA VAL A 81 -6.52 -0.19 -40.38
C VAL A 81 -6.67 0.85 -41.49
N THR A 82 -5.64 1.01 -42.34
CA THR A 82 -5.77 1.98 -43.42
C THR A 82 -6.75 1.52 -44.48
N GLU A 83 -6.90 0.20 -44.68
CA GLU A 83 -7.89 -0.30 -45.61
C GLU A 83 -9.29 -0.06 -45.08
N HIS A 84 -9.49 -0.25 -43.78
CA HIS A 84 -10.78 0.09 -43.20
C HIS A 84 -11.04 1.58 -43.17
N LEU A 85 -9.98 2.40 -43.19
CA LEU A 85 -10.21 3.84 -43.28
C LEU A 85 -10.51 4.30 -44.69
N ILE A 86 -9.93 3.66 -45.70
CA ILE A 86 -10.25 4.00 -47.08
C ILE A 86 -11.68 3.62 -47.40
N ASN A 87 -12.07 2.39 -47.07
CA ASN A 87 -13.43 1.92 -47.28
C ASN A 87 -14.17 1.85 -45.95
N LYS A 88 -15.39 2.39 -45.94
CA LYS A 88 -16.34 2.40 -44.82
C LYS A 88 -16.00 3.50 -43.81
N VAL A 89 -14.99 4.32 -44.06
CA VAL A 89 -14.86 5.55 -43.29
C VAL A 89 -14.81 6.75 -44.22
N ARG A 90 -13.93 6.70 -45.23
CA ARG A 90 -13.74 7.88 -46.07
C ARG A 90 -15.03 8.25 -46.78
N GLU A 91 -15.53 7.37 -47.64
CA GLU A 91 -16.79 7.70 -48.29
C GLU A 91 -17.98 7.59 -47.35
N ASP A 92 -17.81 6.98 -46.18
CA ASP A 92 -18.89 6.96 -45.21
C ASP A 92 -19.22 8.37 -44.76
N VAL A 93 -18.20 9.19 -44.53
CA VAL A 93 -18.44 10.59 -44.18
C VAL A 93 -18.54 11.47 -45.42
N LEU A 94 -17.89 11.09 -46.52
CA LEU A 94 -17.99 11.86 -47.75
C LEU A 94 -19.41 11.82 -48.31
N ASN A 95 -20.05 10.65 -48.28
CA ASN A 95 -21.43 10.55 -48.74
C ASN A 95 -22.37 11.36 -47.86
N SER A 96 -21.93 11.74 -46.66
CA SER A 96 -22.69 12.61 -45.78
C SER A 96 -22.01 13.97 -45.62
N LEU A 97 -21.29 14.40 -46.66
CA LEU A 97 -20.50 15.63 -46.57
C LEU A 97 -21.37 16.83 -46.28
N ASN A 98 -22.51 16.93 -46.95
CA ASN A 98 -23.44 18.03 -46.73
C ASN A 98 -24.64 17.63 -45.89
N ASN A 99 -24.83 16.35 -45.62
CA ASN A 99 -25.97 15.85 -44.86
C ASN A 99 -25.47 15.35 -43.50
N ASN A 100 -25.87 16.05 -42.44
CA ASN A 100 -25.56 15.65 -41.07
C ASN A 100 -24.06 15.47 -40.86
N PHE A 101 -23.27 16.36 -41.44
CA PHE A 101 -21.84 16.35 -41.23
C PHE A 101 -21.53 16.79 -39.80
N LEU A 102 -20.32 16.44 -39.35
CA LEU A 102 -19.79 16.81 -38.04
C LEU A 102 -20.52 16.00 -36.96
N GLN A 103 -21.55 15.27 -37.36
CA GLN A 103 -22.17 14.26 -36.53
C GLN A 103 -21.80 12.87 -37.00
N THR A 104 -21.84 12.64 -38.31
CA THR A 104 -21.35 11.37 -38.84
C THR A 104 -19.85 11.23 -38.65
N LEU A 105 -19.11 12.33 -38.78
CA LEU A 105 -17.67 12.25 -38.57
C LEU A 105 -17.34 12.01 -37.11
N ASN A 106 -18.08 12.62 -36.19
CA ASN A 106 -17.86 12.36 -34.78
C ASN A 106 -18.17 10.91 -34.45
N GLN A 107 -19.24 10.36 -35.04
CA GLN A 107 -19.56 8.95 -34.83
C GLN A 107 -18.46 8.05 -35.37
N ALA A 108 -17.94 8.37 -36.56
CA ALA A 108 -16.87 7.58 -37.13
C ALA A 108 -15.63 7.64 -36.24
N TRP A 109 -15.31 8.82 -35.72
CA TRP A 109 -14.17 8.96 -34.84
C TRP A 109 -14.36 8.16 -33.55
N ASN A 110 -15.55 8.18 -32.99
CA ASN A 110 -15.79 7.43 -31.76
C ASN A 110 -15.70 5.93 -32.00
N ASP A 111 -16.28 5.46 -33.10
CA ASP A 111 -16.20 4.04 -33.44
C ASP A 111 -14.74 3.63 -33.66
N HIS A 112 -13.98 4.48 -34.35
CA HIS A 112 -12.57 4.18 -34.57
C HIS A 112 -11.81 4.18 -33.25
N GLN A 113 -12.14 5.09 -32.35
CA GLN A 113 -11.43 5.14 -31.08
C GLN A 113 -11.67 3.88 -30.26
N THR A 114 -12.93 3.45 -30.17
CA THR A 114 -13.19 2.23 -29.41
C THR A 114 -12.60 1.00 -30.12
N ALA A 115 -12.61 0.99 -31.46
CA ALA A 115 -12.02 -0.12 -32.18
C ALA A 115 -10.53 -0.21 -31.91
N MET A 116 -9.83 0.93 -31.95
CA MET A 116 -8.39 0.92 -31.70
C MET A 116 -8.08 0.61 -30.25
N VAL A 117 -8.96 1.00 -29.32
CA VAL A 117 -8.76 0.61 -27.93
C VAL A 117 -8.81 -0.91 -27.80
N MET A 118 -9.80 -1.53 -28.45
CA MET A 118 -9.89 -3.00 -28.40
C MET A 118 -8.68 -3.65 -29.07
N ILE A 119 -8.25 -3.11 -30.21
CA ILE A 119 -7.12 -3.71 -30.93
C ILE A 119 -5.85 -3.60 -30.10
N ARG A 120 -5.63 -2.45 -29.45
CA ARG A 120 -4.50 -2.33 -28.55
C ARG A 120 -4.64 -3.30 -27.38
N ASP A 121 -5.87 -3.55 -26.95
CA ASP A 121 -6.08 -4.45 -25.82
C ASP A 121 -5.72 -5.88 -26.18
N ILE A 122 -6.08 -6.34 -27.38
CA ILE A 122 -5.82 -7.72 -27.76
C ILE A 122 -4.43 -7.92 -28.36
N LEU A 123 -3.80 -6.86 -28.83
CA LEU A 123 -2.44 -6.91 -29.36
C LEU A 123 -1.44 -6.24 -28.43
N MET A 124 -1.72 -6.30 -27.12
CA MET A 124 -0.98 -5.44 -26.20
C MET A 124 0.48 -5.84 -26.11
N TYR A 125 0.83 -7.06 -26.49
CA TYR A 125 2.23 -7.47 -26.41
C TYR A 125 3.09 -6.60 -27.31
N MET A 126 2.61 -6.31 -28.52
CA MET A 126 3.36 -5.45 -29.43
C MET A 126 3.68 -4.10 -28.78
N ASP A 127 2.76 -3.58 -27.97
CA ASP A 127 2.98 -2.30 -27.32
C ASP A 127 3.98 -2.38 -26.19
N ARG A 128 4.44 -3.57 -25.82
CA ARG A 128 5.33 -3.72 -24.69
C ARG A 128 6.76 -4.07 -25.06
N VAL A 129 6.98 -4.94 -26.03
CA VAL A 129 8.34 -5.35 -26.37
C VAL A 129 8.71 -5.07 -27.82
N TYR A 130 7.78 -4.89 -28.73
CA TYR A 130 8.18 -4.53 -30.08
C TYR A 130 8.21 -3.02 -30.27
N VAL A 131 7.11 -2.34 -29.92
CA VAL A 131 7.05 -0.90 -30.09
C VAL A 131 8.09 -0.21 -29.23
N GLN A 132 8.25 -0.66 -27.98
CA GLN A 132 9.18 0.00 -27.08
C GLN A 132 10.63 -0.23 -27.49
N GLN A 133 10.95 -1.39 -28.07
CA GLN A 133 12.32 -1.73 -28.42
C GLN A 133 12.63 -1.55 -29.89
N ASN A 134 11.74 -0.90 -30.65
CA ASN A 134 12.04 -0.57 -32.03
C ASN A 134 11.84 0.90 -32.35
N ASN A 135 11.58 1.74 -31.35
CA ASN A 135 11.45 3.19 -31.53
C ASN A 135 10.40 3.52 -32.59
N VAL A 136 9.20 2.99 -32.39
CA VAL A 136 8.07 3.23 -33.27
C VAL A 136 6.87 3.65 -32.44
N GLU A 137 5.80 4.04 -33.13
CA GLU A 137 4.62 4.57 -32.48
C GLU A 137 3.72 3.45 -31.99
N ASN A 138 3.05 3.68 -30.86
CA ASN A 138 2.18 2.69 -30.26
C ASN A 138 1.00 2.38 -31.18
N VAL A 139 0.27 1.33 -30.84
CA VAL A 139 -0.90 0.96 -31.62
C VAL A 139 -1.96 2.04 -31.52
N TYR A 140 -2.18 2.57 -30.31
CA TYR A 140 -3.13 3.65 -30.14
C TYR A 140 -2.72 4.87 -30.96
N ASN A 141 -1.45 5.27 -30.84
CA ASN A 141 -0.97 6.40 -31.62
C ASN A 141 -0.95 6.08 -33.10
N LEU A 142 -0.77 4.81 -33.48
CA LEU A 142 -0.84 4.45 -34.89
C LEU A 142 -2.25 4.67 -35.44
N GLY A 143 -3.26 4.28 -34.66
CA GLY A 143 -4.63 4.54 -35.09
C GLY A 143 -4.93 6.03 -35.16
N LEU A 144 -4.47 6.78 -34.17
CA LEU A 144 -4.71 8.23 -34.20
C LEU A 144 -4.04 8.86 -35.41
N ILE A 145 -2.81 8.46 -35.71
CA ILE A 145 -2.09 9.03 -36.84
C ILE A 145 -2.77 8.66 -38.15
N ILE A 146 -3.22 7.41 -38.27
CA ILE A 146 -3.84 7.02 -39.53
C ILE A 146 -5.17 7.73 -39.71
N PHE A 147 -5.89 8.00 -38.61
CA PHE A 147 -7.10 8.82 -38.72
C PHE A 147 -6.76 10.25 -39.12
N ARG A 148 -5.71 10.81 -38.54
CA ARG A 148 -5.33 12.18 -38.85
C ARG A 148 -4.88 12.34 -40.29
N ASP A 149 -4.22 11.34 -40.84
CA ASP A 149 -3.71 11.38 -42.20
C ASP A 149 -4.77 10.98 -43.21
N GLN A 150 -5.73 10.14 -42.82
CA GLN A 150 -6.58 9.47 -43.78
C GLN A 150 -7.98 10.08 -43.88
N VAL A 151 -8.69 10.26 -42.76
CA VAL A 151 -10.06 10.76 -42.86
C VAL A 151 -10.12 12.28 -42.73
N VAL A 152 -9.32 12.88 -41.85
CA VAL A 152 -9.13 14.32 -41.85
C VAL A 152 -7.83 14.60 -42.59
N ARG A 153 -7.60 15.87 -42.90
CA ARG A 153 -6.52 16.28 -43.79
C ARG A 153 -6.65 15.60 -45.16
N TYR A 154 -7.88 15.20 -45.50
CA TYR A 154 -8.13 14.60 -46.81
C TYR A 154 -7.91 15.61 -47.92
N GLY A 155 -8.32 16.86 -47.70
CA GLY A 155 -8.39 17.87 -48.73
C GLY A 155 -9.80 18.19 -49.14
N CYS A 156 -10.74 17.27 -48.92
CA CYS A 156 -12.17 17.52 -49.07
C CYS A 156 -12.91 17.40 -47.75
N ILE A 157 -12.62 16.35 -46.97
CA ILE A 157 -13.23 16.22 -45.65
C ILE A 157 -12.72 17.30 -44.71
N ARG A 158 -11.41 17.53 -44.72
CA ARG A 158 -10.83 18.58 -43.89
C ARG A 158 -11.39 19.94 -44.26
N ASP A 159 -11.48 20.22 -45.55
CA ASP A 159 -11.86 21.55 -46.01
C ASP A 159 -13.32 21.82 -45.63
N HIS A 160 -14.19 20.82 -45.82
CA HIS A 160 -15.58 20.94 -45.40
C HIS A 160 -15.69 21.05 -43.89
N LEU A 161 -14.85 20.34 -43.13
CA LEU A 161 -14.87 20.46 -41.68
C LEU A 161 -14.53 21.89 -41.27
N ARG A 162 -13.55 22.48 -41.93
CA ARG A 162 -13.18 23.86 -41.65
C ARG A 162 -14.35 24.79 -41.92
N GLN A 163 -15.01 24.64 -43.08
CA GLN A 163 -16.17 25.49 -43.35
C GLN A 163 -17.25 25.29 -42.29
N THR A 164 -17.55 24.05 -41.94
CA THR A 164 -18.66 23.80 -41.02
C THR A 164 -18.40 24.44 -39.67
N LEU A 165 -17.20 24.23 -39.14
CA LEU A 165 -16.88 24.81 -37.84
C LEU A 165 -16.88 26.33 -37.91
N LEU A 166 -16.29 26.91 -38.96
CA LEU A 166 -16.23 28.35 -39.07
C LEU A 166 -17.62 28.97 -39.16
N ASP A 167 -18.45 28.43 -40.06
CA ASP A 167 -19.82 28.97 -40.25
C ASP A 167 -20.60 28.84 -38.94
N MET A 168 -20.51 27.68 -38.28
CA MET A 168 -21.24 27.44 -37.02
C MET A 168 -20.89 28.54 -36.01
N ILE A 169 -19.61 28.70 -35.69
CA ILE A 169 -19.19 29.69 -34.65
C ILE A 169 -19.60 31.10 -35.12
N ALA A 170 -19.56 31.36 -36.43
CA ALA A 170 -19.98 32.66 -36.98
C ALA A 170 -21.49 32.85 -36.75
N ARG A 171 -22.28 31.81 -37.04
CA ARG A 171 -23.75 31.89 -36.81
C ARG A 171 -24.00 32.10 -35.32
N GLU A 172 -23.23 31.42 -34.47
CA GLU A 172 -23.40 31.58 -33.00
C GLU A 172 -23.23 33.06 -32.64
N ARG A 173 -22.18 33.69 -33.18
CA ARG A 173 -21.96 35.15 -32.94
C ARG A 173 -23.16 35.92 -33.47
N LYS A 174 -23.63 35.57 -34.67
CA LYS A 174 -24.85 36.24 -35.24
C LYS A 174 -26.04 35.98 -34.31
N GLU A 176 -27.78 34.06 -33.88
CA GLU A 176 -28.37 32.75 -34.11
C GLU A 176 -27.89 31.75 -33.09
N VAL A 177 -28.53 30.58 -33.06
CA VAL A 177 -28.15 29.52 -32.06
C VAL A 177 -27.54 28.32 -32.79
N VAL A 178 -26.39 27.83 -32.32
CA VAL A 178 -25.75 26.63 -32.93
C VAL A 178 -25.43 25.61 -31.83
N ASP A 179 -25.14 24.37 -32.21
CA ASP A 179 -24.86 23.30 -31.21
C ASP A 179 -23.38 23.34 -30.83
N ARG A 180 -23.03 24.15 -29.83
CA ARG A 180 -21.62 24.23 -29.36
C ARG A 180 -21.10 22.82 -29.06
N GLY A 181 -21.93 21.98 -28.44
CA GLY A 181 -21.49 20.62 -28.06
C GLY A 181 -20.90 19.86 -29.24
N ALA A 182 -21.55 19.93 -30.40
CA ALA A 182 -21.04 19.23 -31.60
C ALA A 182 -19.63 19.75 -31.94
N ILE A 183 -19.46 21.07 -31.95
CA ILE A 183 -18.13 21.66 -32.29
C ILE A 183 -17.13 21.25 -31.20
N ARG A 184 -17.57 21.16 -29.94
CA ARG A 184 -16.67 20.73 -28.84
C ARG A 184 -16.08 19.36 -29.20
N ASN A 185 -16.92 18.43 -29.65
CA ASN A 185 -16.45 17.07 -30.00
C ASN A 185 -15.36 17.17 -31.07
N ALA A 186 -15.64 17.87 -32.16
CA ALA A 186 -14.66 18.00 -33.26
C ALA A 186 -13.43 18.78 -32.76
N CYS A 187 -13.65 19.85 -32.00
CA CYS A 187 -12.53 20.70 -31.50
C CYS A 187 -11.60 19.85 -30.64
N GLN A 188 -12.16 19.06 -29.72
CA GLN A 188 -11.34 18.21 -28.83
C GLN A 188 -10.69 17.09 -29.66
N MET A 189 -11.48 16.45 -30.53
CA MET A 189 -10.91 15.40 -31.43
C MET A 189 -9.68 16.00 -32.12
N LEU A 190 -9.77 17.25 -32.56
CA LEU A 190 -8.64 17.89 -33.22
C LEU A 190 -7.44 17.98 -32.28
N MET A 191 -7.66 18.29 -31.00
CA MET A 191 -6.54 18.28 -30.07
C MET A 191 -5.95 16.89 -29.91
N ILE A 192 -6.79 15.89 -29.61
CA ILE A 192 -6.23 14.57 -29.33
C ILE A 192 -5.62 13.94 -30.57
N LEU A 193 -5.90 14.47 -31.76
CA LEU A 193 -5.28 13.99 -32.97
C LEU A 193 -3.86 14.52 -33.16
N GLY A 194 -3.42 15.45 -32.31
CA GLY A 194 -2.09 16.00 -32.43
C GLY A 194 -1.09 15.29 -31.55
N LEU A 195 -1.45 14.09 -31.11
CA LEU A 195 -0.64 13.29 -30.19
C LEU A 195 -0.50 14.11 -28.91
N GLU A 196 0.71 14.35 -28.41
CA GLU A 196 0.86 15.18 -27.22
C GLU A 196 0.48 16.63 -27.50
N GLY A 197 0.89 17.16 -28.65
CA GLY A 197 0.73 18.57 -28.96
C GLY A 197 -0.63 18.89 -29.55
N ARG A 198 -0.70 20.04 -30.21
CA ARG A 198 -1.91 20.53 -30.82
C ARG A 198 -1.63 21.07 -32.22
N SER A 199 -0.71 20.41 -32.94
CA SER A 199 -0.36 20.88 -34.28
C SER A 199 -1.55 20.81 -35.23
N VAL A 200 -2.32 19.73 -35.17
CA VAL A 200 -3.49 19.60 -36.03
C VAL A 200 -4.50 20.68 -35.69
N TYR A 201 -4.69 20.94 -34.41
CA TYR A 201 -5.57 22.03 -34.00
C TYR A 201 -5.07 23.37 -34.54
N GLU A 202 -3.76 23.61 -34.42
CA GLU A 202 -3.22 24.88 -34.86
C GLU A 202 -3.41 25.09 -36.35
N GLU A 203 -3.18 24.06 -37.15
CA GLU A 203 -3.19 24.22 -38.59
C GLU A 203 -4.54 23.92 -39.22
N ASP A 204 -5.52 23.45 -38.46
CA ASP A 204 -6.79 23.03 -39.04
C ASP A 204 -7.95 23.94 -38.65
N PHE A 205 -8.11 24.23 -37.36
CA PHE A 205 -9.19 25.10 -36.92
C PHE A 205 -8.72 26.36 -36.23
N GLU A 206 -7.62 26.33 -35.49
CA GLU A 206 -7.20 27.50 -34.73
C GLU A 206 -6.90 28.67 -35.64
N ALA A 207 -6.07 28.46 -36.67
CA ALA A 207 -5.70 29.55 -37.55
C ALA A 207 -6.88 30.13 -38.32
N PRO A 208 -7.74 29.34 -39.01
CA PRO A 208 -8.92 29.91 -39.68
C PRO A 208 -9.87 30.61 -38.70
N PHE A 209 -10.17 29.97 -37.57
CA PHE A 209 -11.07 30.58 -36.56
C PHE A 209 -10.56 31.98 -36.20
N LEU A 210 -9.30 32.06 -35.77
CA LEU A 210 -8.73 33.36 -35.31
C LEU A 210 -8.78 34.36 -36.47
N GLU A 211 -8.48 33.90 -37.69
CA GLU A 211 -8.51 34.79 -38.88
C GLU A 211 -9.93 35.33 -39.07
N MET A 212 -10.93 34.45 -39.05
CA MET A 212 -12.34 34.88 -39.24
C MET A 212 -12.70 35.87 -38.12
N SER A 213 -12.33 35.53 -36.88
CA SER A 213 -12.62 36.42 -35.73
C SER A 213 -12.00 37.80 -35.98
N ALA A 214 -10.74 37.81 -36.40
CA ALA A 214 -10.04 39.08 -36.70
C ALA A 214 -10.86 39.87 -37.72
N GLU A 215 -11.18 39.27 -38.87
CA GLU A 215 -11.92 39.98 -39.91
C GLU A 215 -13.27 40.45 -39.40
N PHE A 216 -13.99 39.57 -38.70
CA PHE A 216 -15.31 39.93 -38.18
C PHE A 216 -15.19 41.07 -37.19
N PHE A 217 -14.17 41.02 -36.33
CA PHE A 217 -14.00 42.06 -35.34
C PHE A 217 -13.52 43.36 -35.97
N GLN A 218 -12.81 43.31 -37.09
CA GLN A 218 -12.45 44.56 -37.74
C GLN A 218 -13.64 45.19 -38.44
N MET A 219 -14.50 44.38 -39.04
CA MET A 219 -15.77 44.90 -39.54
C MET A 219 -16.57 45.51 -38.40
N GLU A 220 -16.60 44.83 -37.25
CA GLU A 220 -17.30 45.36 -36.10
C GLU A 220 -16.67 46.65 -35.59
N SER A 221 -15.33 46.72 -35.56
CA SER A 221 -14.65 47.91 -35.07
C SER A 221 -14.94 49.11 -35.96
N GLN A 222 -14.88 48.94 -37.28
CA GLN A 222 -15.29 50.02 -38.16
C GLN A 222 -16.78 50.31 -38.05
N LYS A 223 -17.57 49.35 -37.54
CA LYS A 223 -19.00 49.57 -37.41
C LYS A 223 -19.34 50.40 -36.18
N PHE A 224 -18.80 50.04 -35.00
CA PHE A 224 -19.34 50.62 -33.78
C PHE A 224 -18.91 52.07 -33.60
N LEU A 225 -17.81 52.48 -34.22
CA LEU A 225 -17.34 53.85 -34.09
C LEU A 225 -18.27 54.82 -34.82
N GLU A 227 -22.38 53.43 -32.00
CA GLU A 227 -22.27 54.39 -33.08
C GLU A 227 -22.09 55.80 -32.54
N ASN A 228 -20.85 56.27 -32.57
CA ASN A 228 -20.51 57.61 -32.08
C ASN A 228 -20.96 57.82 -30.64
N SER A 229 -20.77 56.79 -29.82
CA SER A 229 -21.06 56.84 -28.40
C SER A 229 -19.92 56.17 -27.65
N ALA A 230 -19.81 56.46 -26.36
CA ALA A 230 -18.70 55.94 -25.56
C ALA A 230 -19.16 54.99 -24.47
N SER A 231 -20.09 55.40 -23.61
CA SER A 231 -20.55 54.52 -22.53
C SER A 231 -21.24 53.28 -23.09
N VAL A 232 -22.17 53.47 -24.03
CA VAL A 232 -22.83 52.33 -24.66
C VAL A 232 -21.80 51.49 -25.41
N TYR A 233 -20.89 52.15 -26.14
CA TYR A 233 -19.89 51.42 -26.90
C TYR A 233 -19.01 50.59 -25.99
N ILE A 234 -18.54 51.17 -24.89
CA ILE A 234 -17.60 50.46 -24.04
C ILE A 234 -18.32 49.33 -23.29
N LYS A 235 -19.57 49.57 -22.87
CA LYS A 235 -20.31 48.52 -22.19
C LYS A 235 -20.60 47.35 -23.12
N LYS A 236 -20.97 47.65 -24.37
CA LYS A 236 -21.24 46.59 -25.32
C LYS A 236 -19.96 45.88 -25.75
N VAL A 237 -18.83 46.57 -25.77
CA VAL A 237 -17.56 45.90 -26.01
C VAL A 237 -17.23 44.96 -24.87
N GLU A 238 -17.49 45.38 -23.63
CA GLU A 238 -17.30 44.50 -22.49
C GLU A 238 -18.18 43.27 -22.60
N ALA A 239 -19.43 43.48 -23.04
CA ALA A 239 -20.34 42.33 -23.25
C ALA A 239 -19.75 41.42 -24.34
N ARG A 240 -19.20 42.02 -25.40
CA ARG A 240 -18.63 41.22 -26.52
C ARG A 240 -17.48 40.34 -26.00
N ILE A 241 -16.49 40.94 -25.33
CA ILE A 241 -15.32 40.15 -24.88
C ILE A 241 -15.80 39.09 -23.88
N ASN A 242 -16.74 39.45 -22.99
CA ASN A 242 -17.24 38.44 -22.06
C ASN A 242 -17.92 37.31 -22.80
N GLU A 243 -18.67 37.64 -23.85
CA GLU A 243 -19.30 36.58 -24.67
C GLU A 243 -18.18 35.73 -25.30
N GLU A 244 -17.18 36.35 -25.90
CA GLU A 244 -16.12 35.60 -26.60
C GLU A 244 -15.41 34.64 -25.64
N ILE A 245 -14.99 35.13 -24.47
CA ILE A 245 -14.21 34.25 -23.54
C ILE A 245 -15.12 33.10 -23.08
N GLU A 246 -16.37 33.40 -22.70
CA GLU A 246 -17.32 32.34 -22.29
C GLU A 246 -17.53 31.40 -23.49
N ARG A 247 -17.77 31.96 -24.67
CA ARG A 247 -18.02 31.15 -25.89
C ARG A 247 -16.85 30.18 -26.08
N VAL A 248 -15.62 30.70 -26.06
CA VAL A 248 -14.43 29.84 -26.29
C VAL A 248 -14.38 28.76 -25.20
N MET A 249 -14.51 29.15 -23.94
CA MET A 249 -14.40 28.17 -22.84
C MET A 249 -15.49 27.10 -23.01
N HIS A 250 -16.71 27.53 -23.36
CA HIS A 250 -17.85 26.58 -23.47
C HIS A 250 -17.69 25.66 -24.68
N CYS A 251 -17.49 26.23 -25.88
CA CYS A 251 -17.46 25.39 -27.11
C CYS A 251 -16.03 25.04 -27.53
N LEU A 252 -15.11 26.00 -27.46
CA LEU A 252 -13.73 25.73 -27.97
C LEU A 252 -12.88 25.06 -26.89
N ASP A 253 -11.59 24.87 -27.16
CA ASP A 253 -10.67 24.22 -26.20
C ASP A 253 -10.10 25.28 -25.25
N LYS A 254 -9.34 24.87 -24.23
CA LYS A 254 -8.87 25.83 -23.23
C LYS A 254 -7.54 26.45 -23.56
N SER A 255 -6.87 26.03 -24.64
CA SER A 255 -5.65 26.68 -25.06
C SER A 255 -5.89 27.77 -26.09
N THR A 256 -7.14 28.01 -26.47
CA THR A 256 -7.50 29.02 -27.46
C THR A 256 -7.95 30.32 -26.82
N GLU A 257 -8.33 30.29 -25.53
CA GLU A 257 -8.86 31.48 -24.89
C GLU A 257 -7.84 32.61 -24.88
N GLU A 258 -6.57 32.32 -24.60
CA GLU A 258 -5.57 33.37 -24.59
C GLU A 258 -5.41 34.06 -25.94
N PRO A 259 -5.15 33.35 -27.05
CA PRO A 259 -5.00 34.07 -28.33
C PRO A 259 -6.25 34.80 -28.76
N ILE A 260 -7.44 34.24 -28.52
CA ILE A 260 -8.65 34.94 -28.92
C ILE A 260 -8.86 36.19 -28.08
N VAL A 261 -8.55 36.12 -26.79
CA VAL A 261 -8.67 37.30 -25.94
C VAL A 261 -7.71 38.39 -26.39
N LYS A 262 -6.47 38.01 -26.72
CA LYS A 262 -5.53 39.01 -27.22
C LYS A 262 -5.99 39.60 -28.54
N VAL A 263 -6.53 38.79 -29.44
CA VAL A 263 -7.02 39.34 -30.70
C VAL A 263 -8.19 40.28 -30.45
N VAL A 264 -9.05 39.95 -29.49
CA VAL A 264 -10.16 40.85 -29.15
C VAL A 264 -9.63 42.19 -28.66
N GLU A 265 -8.72 42.16 -27.69
CA GLU A 265 -8.21 43.41 -27.13
C GLU A 265 -7.32 44.16 -28.10
N ARG A 266 -6.80 43.48 -29.12
CA ARG A 266 -5.96 44.14 -30.10
C ARG A 266 -6.80 44.82 -31.18
N GLU A 267 -7.85 44.14 -31.64
CA GLU A 267 -8.54 44.60 -32.83
C GLU A 267 -9.82 45.35 -32.55
N LEU A 268 -10.46 45.13 -31.40
CA LEU A 268 -11.72 45.79 -31.12
C LEU A 268 -11.56 47.17 -30.53
N ILE A 269 -10.65 47.35 -29.58
CA ILE A 269 -10.49 48.62 -28.89
C ILE A 269 -9.12 49.25 -29.15
N SER A 270 -8.06 48.45 -29.18
CA SER A 270 -6.74 49.01 -29.39
C SER A 270 -6.46 49.37 -30.83
N LYS A 271 -7.30 48.92 -31.77
CA LYS A 271 -7.16 49.35 -33.15
C LYS A 271 -7.41 50.84 -33.28
N HIS A 272 -8.45 51.34 -32.64
CA HIS A 272 -8.83 52.75 -32.68
C HIS A 272 -9.08 53.27 -31.28
N MET A 273 -8.15 52.97 -30.37
CA MET A 273 -8.26 53.45 -29.00
C MET A 273 -8.14 54.96 -28.94
N LYS A 274 -7.27 55.54 -29.75
CA LYS A 274 -7.05 56.98 -29.70
C LYS A 274 -8.27 57.77 -30.15
N THR A 275 -9.17 57.16 -30.92
CA THR A 275 -10.30 57.90 -31.45
C THR A 275 -11.55 57.73 -30.59
N ILE A 276 -11.57 56.70 -29.74
CA ILE A 276 -12.72 56.51 -28.85
C ILE A 276 -12.52 57.17 -27.50
N VAL A 277 -11.32 57.69 -27.23
CA VAL A 277 -11.08 58.34 -25.94
C VAL A 277 -11.64 59.76 -25.94
N GLU A 278 -11.61 60.44 -27.10
CA GLU A 278 -12.27 61.73 -27.21
C GLU A 278 -13.25 61.72 -28.37
N MET A 279 -14.52 62.01 -28.07
CA MET A 279 -15.55 62.27 -29.06
C MET A 279 -16.53 63.26 -28.44
N GLU A 280 -16.92 64.27 -29.22
CA GLU A 280 -17.61 65.43 -28.66
C GLU A 280 -18.99 65.07 -28.13
N ASN A 281 -19.65 64.10 -28.76
CA ASN A 281 -21.00 63.76 -28.33
C ASN A 281 -21.02 62.93 -27.05
N SER A 282 -19.96 62.17 -26.78
CA SER A 282 -19.92 61.32 -25.60
C SER A 282 -18.49 61.11 -25.12
N LEU A 284 -15.50 58.92 -22.87
CA LEU A 284 -15.92 59.28 -21.53
C LEU A 284 -14.98 60.33 -20.94
N VAL A 285 -13.70 60.22 -21.29
CA VAL A 285 -12.68 61.09 -20.71
C VAL A 285 -12.89 62.53 -21.13
N HIS A 286 -13.37 62.75 -22.36
CA HIS A 286 -13.62 64.11 -22.82
C HIS A 286 -14.55 64.83 -21.85
N MET A 287 -15.78 64.34 -21.71
CA MET A 287 -16.72 64.90 -20.74
C MET A 287 -16.74 64.04 -19.48
N LEU A 288 -15.69 64.21 -18.69
CA LEU A 288 -15.62 63.63 -17.36
C LEU A 288 -16.22 64.53 -16.30
N LYS A 289 -16.66 65.73 -16.67
CA LYS A 289 -17.28 66.64 -15.72
C LYS A 289 -18.56 66.07 -15.14
N ASN A 290 -19.14 65.05 -15.79
CA ASN A 290 -20.29 64.36 -15.23
C ASN A 290 -19.96 63.77 -13.86
N GLY A 291 -18.73 63.30 -13.69
CA GLY A 291 -18.29 62.78 -12.42
C GLY A 291 -18.79 61.41 -12.07
N LYS A 292 -19.40 60.69 -13.01
CA LYS A 292 -19.95 59.38 -12.69
C LYS A 292 -18.81 58.38 -12.49
N THR A 293 -18.85 57.68 -11.35
CA THR A 293 -17.81 56.71 -11.04
C THR A 293 -17.81 55.58 -12.05
N GLU A 294 -18.99 55.06 -12.39
CA GLU A 294 -19.07 53.97 -13.35
C GLU A 294 -18.60 54.42 -14.73
N ASP A 295 -18.94 55.65 -15.11
CA ASP A 295 -18.67 56.11 -16.48
C ASP A 295 -17.19 56.05 -16.81
N LEU A 296 -16.35 56.49 -15.89
CA LEU A 296 -14.91 56.41 -16.11
C LEU A 296 -14.31 55.10 -15.65
N GLY A 297 -14.91 54.47 -14.64
CA GLY A 297 -14.38 53.21 -14.15
C GLY A 297 -14.44 52.11 -15.18
N CYS A 298 -15.54 52.04 -15.92
CA CYS A 298 -15.65 51.04 -16.98
C CYS A 298 -14.59 51.27 -18.04
N MET A 299 -14.37 52.52 -18.43
CA MET A 299 -13.39 52.80 -19.45
C MET A 299 -11.99 52.44 -18.97
N TYR A 300 -11.67 52.75 -17.73
CA TYR A 300 -10.38 52.36 -17.17
C TYR A 300 -10.23 50.85 -17.19
N LYS A 301 -11.21 50.15 -16.60
CA LYS A 301 -11.08 48.70 -16.46
C LYS A 301 -11.11 47.99 -17.80
N LEU A 302 -11.57 48.66 -18.85
CA LEU A 302 -11.59 48.03 -20.16
C LEU A 302 -10.42 48.43 -21.04
N PHE A 303 -9.73 49.52 -20.72
CA PHE A 303 -8.44 49.80 -21.36
C PHE A 303 -7.26 49.35 -20.54
N SER A 304 -7.48 48.70 -19.40
CA SER A 304 -6.36 48.32 -18.54
C SER A 304 -5.57 47.17 -19.13
N ARG A 305 -6.23 46.27 -19.87
CA ARG A 305 -5.56 45.07 -20.36
C ARG A 305 -4.62 45.38 -21.52
N VAL A 306 -4.91 46.41 -22.31
CA VAL A 306 -4.10 46.70 -23.48
C VAL A 306 -2.79 47.35 -23.08
N PRO A 307 -1.65 46.82 -23.49
CA PRO A 307 -0.37 47.50 -23.24
C PRO A 307 -0.36 48.85 -23.95
N ASN A 308 0.22 49.85 -23.28
CA ASN A 308 0.25 51.24 -23.70
C ASN A 308 -1.13 51.89 -23.62
N GLY A 309 -2.17 51.11 -23.29
CA GLY A 309 -3.52 51.65 -23.30
C GLY A 309 -3.74 52.77 -22.30
N LEU A 310 -3.16 52.63 -21.11
CA LEU A 310 -3.35 53.64 -20.08
C LEU A 310 -2.75 54.98 -20.48
N LYS A 311 -1.77 54.98 -21.39
CA LYS A 311 -1.12 56.22 -21.78
C LYS A 311 -2.07 57.17 -22.47
N THR A 312 -2.96 56.65 -23.33
CA THR A 312 -3.83 57.56 -24.05
C THR A 312 -4.77 58.31 -23.11
N MET A 313 -5.34 57.62 -22.12
CA MET A 313 -6.19 58.31 -21.16
C MET A 313 -5.37 59.22 -20.27
N CYS A 314 -4.15 58.82 -19.93
CA CYS A 314 -3.29 59.68 -19.14
C CYS A 314 -3.10 61.03 -19.83
N GLU A 315 -2.72 61.00 -21.12
CA GLU A 315 -2.54 62.24 -21.86
C GLU A 315 -3.84 63.01 -22.04
N CYS A 316 -4.96 62.33 -22.27
CA CYS A 316 -6.21 63.06 -22.46
C CYS A 316 -6.60 63.82 -21.19
N MET A 317 -6.58 63.14 -20.05
CA MET A 317 -6.92 63.81 -18.80
C MET A 317 -5.87 64.85 -18.43
N SER A 318 -4.61 64.61 -18.78
CA SER A 318 -3.57 65.60 -18.51
C SER A 318 -3.83 66.87 -19.30
N SER A 319 -4.23 66.74 -20.57
CA SER A 319 -4.56 67.92 -21.35
C SER A 319 -5.75 68.66 -20.75
N TYR A 320 -6.77 67.92 -20.33
CA TYR A 320 -7.91 68.59 -19.71
C TYR A 320 -7.51 69.34 -18.45
N LEU A 321 -6.69 68.71 -17.60
CA LEU A 321 -6.26 69.37 -16.37
C LEU A 321 -5.41 70.59 -16.68
N ARG A 322 -4.55 70.51 -17.69
CA ARG A 322 -3.75 71.67 -18.07
C ARG A 322 -4.65 72.82 -18.48
N GLU A 323 -5.66 72.54 -19.31
CA GLU A 323 -6.55 73.59 -19.76
C GLU A 323 -7.33 74.19 -18.58
N GLN A 324 -7.79 73.31 -17.68
CA GLN A 324 -8.50 73.80 -16.47
C GLN A 324 -7.52 74.58 -15.60
N GLY A 325 -6.32 74.03 -15.41
CA GLY A 325 -5.31 74.68 -14.55
C GLY A 325 -4.97 76.08 -15.03
N LYS A 326 -4.77 76.24 -16.34
CA LYS A 326 -4.41 77.57 -16.90
C LYS A 326 -5.51 78.57 -16.56
N ALA A 327 -6.77 78.21 -16.84
CA ALA A 327 -7.91 79.12 -16.56
C ALA A 327 -8.00 79.37 -15.05
N LEU A 328 -7.83 78.33 -14.25
CA LEU A 328 -7.92 78.45 -12.77
C LEU A 328 -6.84 79.42 -12.27
N VAL A 329 -5.60 79.24 -12.73
CA VAL A 329 -4.48 80.12 -12.30
C VAL A 329 -4.75 81.55 -12.78
N SER A 330 -5.22 81.70 -14.02
CA SER A 330 -5.46 83.06 -14.58
C SER A 330 -6.21 83.89 -13.55
N GLU A 331 -5.62 85.02 -13.13
CA GLU A 331 -6.26 85.89 -12.09
C GLU A 331 -6.35 87.32 -12.61
N LYS A 336 -9.00 88.96 -9.75
CA LYS A 336 -9.47 87.74 -9.09
C LYS A 336 -9.43 87.90 -7.57
N ASN A 337 -10.51 87.52 -6.91
CA ASN A 337 -10.56 87.61 -5.46
C ASN A 337 -9.56 86.64 -4.85
N PRO A 338 -8.79 87.07 -3.85
CA PRO A 338 -7.75 86.20 -3.28
C PRO A 338 -8.26 84.91 -2.70
N VAL A 339 -9.47 84.91 -2.12
CA VAL A 339 -10.00 83.73 -1.47
C VAL A 339 -10.63 82.77 -2.48
N ASP A 340 -11.43 83.30 -3.40
CA ASP A 340 -12.08 82.44 -4.39
C ASP A 340 -11.06 81.73 -5.27
N TYR A 341 -9.91 82.35 -5.51
CA TYR A 341 -8.86 81.71 -6.30
C TYR A 341 -8.38 80.42 -5.63
N ILE A 342 -8.01 80.51 -4.36
CA ILE A 342 -7.54 79.32 -3.68
C ILE A 342 -8.69 78.35 -3.48
N GLN A 343 -9.92 78.85 -3.36
CA GLN A 343 -11.06 77.96 -3.26
C GLN A 343 -11.18 77.13 -4.53
N GLY A 344 -10.97 77.76 -5.69
CA GLY A 344 -10.98 77.03 -6.94
C GLY A 344 -9.87 76.00 -7.00
N LEU A 345 -8.67 76.38 -6.56
CA LEU A 345 -7.59 75.40 -6.49
C LEU A 345 -8.01 74.17 -5.69
N LEU A 346 -8.49 74.40 -4.47
CA LEU A 346 -8.82 73.28 -3.60
C LEU A 346 -9.98 72.45 -4.14
N ASP A 347 -11.05 73.07 -4.65
CA ASP A 347 -12.17 72.21 -5.01
C ASP A 347 -11.90 71.48 -6.33
N LEU A 348 -11.13 72.08 -7.24
CA LEU A 348 -10.73 71.30 -8.41
C LEU A 348 -9.84 70.14 -7.99
N LYS A 349 -8.94 70.37 -7.03
CA LYS A 349 -8.13 69.27 -6.54
C LYS A 349 -8.99 68.17 -5.94
N SER A 350 -10.00 68.56 -5.17
CA SER A 350 -10.88 67.58 -4.55
C SER A 350 -11.63 66.78 -5.61
N ARG A 351 -12.16 67.48 -6.62
CA ARG A 351 -12.91 66.78 -7.66
C ARG A 351 -12.03 65.80 -8.42
N PHE A 352 -10.78 66.19 -8.72
CA PHE A 352 -9.94 65.28 -9.48
C PHE A 352 -9.40 64.14 -8.63
N ASP A 353 -9.12 64.36 -7.34
CA ASP A 353 -8.74 63.21 -6.53
C ASP A 353 -9.92 62.31 -6.23
N ARG A 354 -11.14 62.84 -6.33
CA ARG A 354 -12.32 61.98 -6.20
C ARG A 354 -12.31 60.90 -7.28
N PHE A 355 -11.95 61.27 -8.50
CA PHE A 355 -11.90 60.27 -9.57
C PHE A 355 -10.92 59.17 -9.25
N LEU A 356 -9.72 59.53 -8.78
CA LEU A 356 -8.73 58.50 -8.48
C LEU A 356 -9.11 57.69 -7.26
N LEU A 357 -9.95 58.23 -6.36
CA LEU A 357 -10.29 57.42 -5.21
C LEU A 357 -11.47 56.49 -5.47
N GLU A 358 -12.43 56.90 -6.30
CA GLU A 358 -13.63 56.09 -6.49
C GLU A 358 -13.86 55.61 -7.93
N SER A 359 -13.31 56.29 -8.93
CA SER A 359 -13.48 55.82 -10.31
C SER A 359 -12.37 54.87 -10.72
N PHE A 360 -11.13 55.18 -10.38
CA PHE A 360 -9.99 54.33 -10.70
C PHE A 360 -9.61 53.54 -9.45
N ASN A 361 -8.51 52.81 -9.54
CA ASN A 361 -7.99 52.06 -8.40
C ASN A 361 -6.72 52.71 -7.84
N ASN A 362 -6.64 54.03 -7.93
CA ASN A 362 -5.46 54.79 -7.49
C ASN A 362 -4.20 54.30 -8.23
N ASP A 363 -4.27 54.36 -9.55
CA ASP A 363 -3.15 53.93 -10.37
C ASP A 363 -1.95 54.85 -10.17
N ARG A 364 -0.77 54.24 -10.04
CA ARG A 364 0.43 55.02 -9.73
C ARG A 364 0.75 56.01 -10.85
N LEU A 365 0.67 55.58 -12.11
CA LEU A 365 0.94 56.48 -13.22
C LEU A 365 -0.05 57.61 -13.26
N PHE A 366 -1.32 57.32 -12.99
CA PHE A 366 -2.35 58.35 -12.98
C PHE A 366 -2.07 59.39 -11.90
N LYS A 367 -1.78 58.92 -10.68
CA LYS A 367 -1.48 59.85 -9.60
C LYS A 367 -0.26 60.69 -9.97
N GLN A 368 0.75 60.04 -10.55
CA GLN A 368 1.96 60.76 -10.92
C GLN A 368 1.66 61.85 -11.92
N THR A 369 0.82 61.56 -12.93
CA THR A 369 0.61 62.57 -13.96
C THR A 369 -0.27 63.71 -13.46
N ILE A 370 -1.27 63.41 -12.62
CA ILE A 370 -2.02 64.51 -12.01
C ILE A 370 -1.11 65.36 -11.15
N ALA A 371 -0.22 64.73 -10.39
CA ALA A 371 0.74 65.49 -9.61
C ALA A 371 1.62 66.35 -10.51
N GLY A 372 1.99 65.82 -11.68
CA GLY A 372 2.80 66.58 -12.60
C GLY A 372 2.09 67.82 -13.09
N ASP A 373 0.83 67.66 -13.52
CA ASP A 373 0.09 68.84 -13.95
C ASP A 373 -0.05 69.84 -12.82
N PHE A 374 -0.41 69.36 -11.62
CA PHE A 374 -0.53 70.24 -10.47
C PHE A 374 0.77 70.98 -10.19
N GLU A 375 1.90 70.32 -10.32
CA GLU A 375 3.19 70.97 -10.17
C GLU A 375 3.44 71.97 -11.29
N TYR A 376 2.77 71.80 -12.42
CA TYR A 376 3.03 72.68 -13.55
C TYR A 376 2.41 74.05 -13.34
N PHE A 377 1.09 74.12 -13.15
CA PHE A 377 0.45 75.44 -13.17
C PHE A 377 0.36 76.09 -11.79
N LEU A 378 0.35 75.31 -10.71
CA LEU A 378 0.27 75.89 -9.38
C LEU A 378 1.43 76.83 -9.12
N ASN A 379 2.57 76.58 -9.75
CA ASN A 379 3.71 77.48 -9.69
C ASN A 379 3.84 78.33 -10.95
N LEU A 380 2.90 78.17 -11.88
CA LEU A 380 2.90 79.02 -13.10
C LEU A 380 2.40 80.41 -12.69
N ASN A 381 2.04 80.57 -11.41
CA ASN A 381 1.56 81.87 -10.89
C ASN A 381 2.57 82.41 -9.88
N SER A 382 3.09 83.62 -10.11
CA SER A 382 4.04 84.25 -9.16
C SER A 382 3.32 84.59 -7.86
N ARG A 383 2.04 84.98 -7.95
CA ARG A 383 1.27 85.39 -6.75
C ARG A 383 0.65 84.17 -6.07
N SER A 384 0.84 82.97 -6.63
CA SER A 384 0.21 81.75 -6.05
C SER A 384 0.63 81.56 -4.59
N PRO A 385 1.93 81.62 -4.21
CA PRO A 385 2.33 81.53 -2.80
C PRO A 385 1.65 82.62 -1.96
N GLU A 386 1.56 83.84 -2.50
CA GLU A 386 0.88 84.95 -1.78
C GLU A 386 -0.56 84.53 -1.48
N TYR A 387 -1.27 83.99 -2.49
CA TYR A 387 -2.66 83.52 -2.28
C TYR A 387 -2.66 82.35 -1.28
N LEU A 388 -1.71 81.43 -1.45
CA LEU A 388 -1.62 80.26 -0.53
C LEU A 388 -1.42 80.74 0.91
N SER A 389 -0.50 81.68 1.10
CA SER A 389 -0.24 82.23 2.46
C SER A 389 -1.50 82.97 2.97
N LEU A 390 -2.20 83.68 2.09
CA LEU A 390 -3.41 84.44 2.50
C LEU A 390 -4.49 83.47 3.00
N PHE A 391 -4.67 82.33 2.32
CA PHE A 391 -5.70 81.34 2.71
C PHE A 391 -5.71 81.18 4.23
N ILE A 392 -4.59 80.73 4.81
CA ILE A 392 -4.49 80.50 6.24
C ILE A 392 -4.97 81.73 7.01
N ASP A 393 -4.46 82.91 6.63
CA ASP A 393 -4.83 84.13 7.32
C ASP A 393 -6.32 84.40 7.22
N ASP A 394 -6.89 84.22 6.03
CA ASP A 394 -8.34 84.33 5.89
C ASP A 394 -9.05 83.26 6.70
N LYS A 395 -8.51 82.04 6.68
CA LYS A 395 -9.08 80.97 7.49
C LYS A 395 -8.93 81.28 8.98
N LEU A 396 -7.78 81.81 9.38
CA LEU A 396 -7.55 82.10 10.79
C LEU A 396 -8.42 83.24 11.30
N LYS A 397 -8.94 84.07 10.41
CA LYS A 397 -9.81 85.17 10.83
C LYS A 397 -11.17 84.65 11.27
N THR A 404 -16.59 73.58 12.32
CA THR A 404 -15.97 72.95 13.49
C THR A 404 -14.46 73.05 13.40
N GLU A 405 -13.79 72.89 14.55
CA GLU A 405 -12.34 72.94 14.57
C GLU A 405 -11.73 71.71 13.91
N GLN A 406 -12.43 70.58 13.94
CA GLN A 406 -11.96 69.39 13.24
C GLN A 406 -11.95 69.63 11.73
N GLU A 407 -12.98 70.30 11.20
CA GLU A 407 -13.00 70.62 9.78
C GLU A 407 -11.84 71.54 9.42
N VAL A 408 -11.46 72.44 10.34
CA VAL A 408 -10.30 73.28 10.12
C VAL A 408 -9.05 72.43 9.93
N GLU A 409 -8.93 71.34 10.70
CA GLU A 409 -7.79 70.45 10.55
C GLU A 409 -7.83 69.72 9.21
N THR A 410 -9.03 69.37 8.75
CA THR A 410 -9.14 68.60 7.51
C THR A 410 -8.66 69.39 6.31
N ILE A 411 -9.14 70.63 6.15
CA ILE A 411 -8.74 71.45 5.02
C ILE A 411 -7.27 71.83 5.14
N LEU A 412 -6.72 71.80 6.36
CA LEU A 412 -5.29 71.97 6.51
C LEU A 412 -4.52 70.86 5.82
N ASP A 413 -5.00 69.63 5.92
CA ASP A 413 -4.38 68.52 5.19
C ASP A 413 -4.49 68.75 3.68
N LYS A 414 -5.66 69.19 3.22
CA LYS A 414 -5.80 69.55 1.80
C LYS A 414 -4.94 70.75 1.45
N ALA A 415 -4.89 71.75 2.33
CA ALA A 415 -4.03 72.91 2.08
C ALA A 415 -2.57 72.50 2.06
N MET A 416 -2.20 71.50 2.85
CA MET A 416 -0.83 71.00 2.82
C MET A 416 -0.49 70.34 1.49
N VAL A 417 -1.49 69.78 0.80
CA VAL A 417 -1.23 69.06 -0.45
C VAL A 417 -0.65 70.00 -1.48
N LEU A 418 -1.22 71.20 -1.61
CA LEU A 418 -0.65 72.17 -2.54
C LEU A 418 0.73 72.62 -2.09
N PHE A 419 0.94 72.76 -0.78
CA PHE A 419 2.22 73.24 -0.28
C PHE A 419 3.37 72.43 -0.82
N ARG A 420 3.24 71.10 -0.79
CA ARG A 420 4.32 70.25 -1.28
C ARG A 420 4.52 70.44 -2.78
N PHE A 421 3.47 70.80 -3.51
CA PHE A 421 3.58 70.95 -4.95
C PHE A 421 4.32 72.21 -5.36
N MET A 422 4.28 73.26 -4.54
CA MET A 422 4.96 74.49 -4.89
C MET A 422 6.46 74.28 -4.90
N GLN A 423 7.11 74.73 -5.98
CA GLN A 423 8.56 74.81 -6.03
C GLN A 423 9.09 76.15 -5.55
N GLU A 424 8.20 77.12 -5.32
CA GLU A 424 8.56 78.47 -4.88
C GLU A 424 8.10 78.72 -3.46
N LYS A 425 8.32 77.73 -2.58
CA LYS A 425 8.00 77.89 -1.17
C LYS A 425 8.68 79.12 -0.56
N ASP A 426 9.84 79.48 -1.11
CA ASP A 426 10.62 80.64 -0.58
C ASP A 426 9.69 81.86 -0.52
N PHE A 428 6.42 81.71 -0.40
CA PHE A 428 5.38 81.35 0.59
C PHE A 428 5.87 81.64 2.01
N ARG A 430 8.36 83.41 3.14
CA ARG A 430 8.61 84.85 3.33
C ARG A 430 7.27 85.56 3.55
N TYR A 431 6.27 85.24 2.72
CA TYR A 431 4.92 85.85 2.86
C TYR A 431 4.24 85.29 4.12
N TYR A 432 4.37 83.98 4.38
CA TYR A 432 3.81 83.43 5.63
C TYR A 432 4.37 84.26 6.79
N LYS A 433 5.65 84.61 6.73
CA LYS A 433 6.26 85.48 7.74
C LYS A 433 5.77 86.90 7.58
N GLN A 434 5.71 87.40 6.34
CA GLN A 434 5.14 88.74 6.12
C GLN A 434 3.74 88.77 6.74
N HIS A 435 2.96 87.71 6.54
CA HIS A 435 1.60 87.62 7.15
C HIS A 435 1.73 87.31 8.64
N LEU A 436 2.75 86.52 8.99
CA LEU A 436 2.95 86.14 10.42
C LEU A 436 2.76 87.37 11.30
N ALA A 437 3.31 88.52 10.91
CA ALA A 437 3.06 89.70 11.74
C ALA A 437 1.57 90.02 11.79
N ARG A 438 0.90 90.01 10.65
CA ARG A 438 -0.46 90.50 10.60
C ARG A 438 -1.48 89.52 11.17
N ARG A 439 -1.10 88.28 11.39
CA ARG A 439 -1.99 87.40 12.15
C ARG A 439 -1.53 87.22 13.59
N LEU A 440 -0.52 87.96 14.02
CA LEU A 440 -0.02 87.88 15.39
C LEU A 440 -0.22 89.16 16.16
N LEU A 441 0.25 90.30 15.63
CA LEU A 441 0.35 91.51 16.43
C LEU A 441 -1.02 91.93 16.96
N THR A 442 -2.02 91.93 16.09
CA THR A 442 -3.40 92.11 16.53
C THR A 442 -4.12 90.78 16.68
N ASN A 443 -3.42 89.67 16.43
CA ASN A 443 -3.94 88.32 16.66
C ASN A 443 -5.22 88.07 15.87
N LYS A 444 -5.08 88.13 14.54
CA LYS A 444 -6.21 87.80 13.67
C LYS A 444 -6.54 86.32 13.71
N SER A 445 -5.65 85.49 14.24
CA SER A 445 -5.91 84.05 14.32
C SER A 445 -6.96 83.77 15.39
N VAL A 446 -7.93 82.91 15.05
CA VAL A 446 -9.00 82.60 15.99
C VAL A 446 -8.48 81.75 17.15
N SER A 447 -7.68 80.74 16.85
CA SER A 447 -7.16 79.83 17.87
C SER A 447 -5.65 79.90 17.88
N ASP A 448 -5.07 80.17 19.05
CA ASP A 448 -3.62 80.23 19.17
C ASP A 448 -3.00 78.84 19.19
N ASP A 449 -3.67 77.88 19.82
CA ASP A 449 -3.10 76.54 19.95
C ASP A 449 -2.89 75.90 18.60
N SER A 450 -3.85 76.05 17.68
CA SER A 450 -3.68 75.52 16.34
C SER A 450 -2.57 76.26 15.60
N GLU A 451 -2.35 77.53 15.93
CA GLU A 451 -1.33 78.31 15.25
C GLU A 451 0.05 77.67 15.40
N LYS A 452 0.26 76.91 16.47
CA LYS A 452 1.44 76.08 16.56
C LYS A 452 1.32 74.80 15.75
N ASN A 453 0.10 74.26 15.65
CA ASN A 453 -0.09 73.00 14.92
C ASN A 453 0.21 73.16 13.44
N MET A 454 -0.18 74.30 12.85
CA MET A 454 0.12 74.51 11.44
C MET A 454 1.63 74.58 11.20
N ILE A 455 2.41 75.01 12.20
CA ILE A 455 3.85 74.92 12.08
C ILE A 455 4.29 73.47 12.01
N SER A 456 3.72 72.62 12.87
CA SER A 456 4.02 71.19 12.82
C SER A 456 3.59 70.58 11.50
N LYS A 457 2.43 71.01 11.00
CA LYS A 457 2.03 70.62 9.65
C LYS A 457 3.05 71.13 8.63
N LEU A 458 3.49 72.38 8.80
CA LEU A 458 4.48 72.94 7.89
C LEU A 458 5.84 72.28 8.06
N LYS A 459 6.18 71.89 9.28
CA LYS A 459 7.44 71.21 9.53
C LYS A 459 7.40 69.78 8.98
N CYS A 464 14.19 73.85 10.26
CA CYS A 464 14.12 74.74 11.41
C CYS A 464 13.86 76.17 10.98
N GLN A 465 14.71 76.67 10.07
CA GLN A 465 14.56 78.04 9.58
C GLN A 465 13.21 78.24 8.91
N PHE A 466 12.64 77.17 8.34
CA PHE A 466 11.28 77.22 7.84
C PHE A 466 10.27 77.39 8.96
N THR A 467 10.66 77.11 10.19
CA THR A 467 9.78 77.13 11.35
C THR A 467 10.19 78.14 12.41
N SER A 468 11.49 78.24 12.71
CA SER A 468 11.95 79.13 13.78
C SER A 468 11.64 80.58 13.47
N LYS A 469 11.88 81.01 12.22
CA LYS A 469 11.54 82.37 11.83
C LYS A 469 10.03 82.58 11.87
N LEU A 470 9.24 81.54 11.60
CA LEU A 470 7.81 81.58 11.86
C LEU A 470 7.50 81.45 13.34
N GLU A 471 8.43 80.93 14.14
CA GLU A 471 8.23 80.81 15.58
C GLU A 471 8.87 81.93 16.38
N GLY A 472 9.95 82.54 15.87
CA GLY A 472 10.63 83.56 16.64
C GLY A 472 9.75 84.75 16.95
N MET A 473 8.96 85.19 15.98
CA MET A 473 8.07 86.33 16.22
C MET A 473 6.86 85.93 17.06
N PHE A 474 6.28 84.76 16.79
CA PHE A 474 5.11 84.32 17.57
C PHE A 474 5.50 84.02 19.00
N ARG A 475 6.53 83.19 19.21
CA ARG A 475 6.90 82.81 20.56
C ARG A 475 7.35 84.00 21.39
N ASP A 476 7.75 85.10 20.74
CA ASP A 476 8.05 86.32 21.48
C ASP A 476 6.80 86.87 22.15
N MET A 477 5.66 86.81 21.46
CA MET A 477 4.40 87.21 22.09
C MET A 477 4.03 86.28 23.22
N SER A 478 4.51 85.03 23.19
CA SER A 478 4.38 84.16 24.35
C SER A 478 5.34 84.56 25.46
N ILE A 479 6.49 85.14 25.10
CA ILE A 479 7.48 85.54 26.10
C ILE A 479 6.99 86.74 26.91
N SER A 480 6.41 87.73 26.24
CA SER A 480 5.97 88.95 26.91
C SER A 480 4.62 88.81 27.60
N ASN A 481 3.99 87.64 27.50
CA ASN A 481 2.67 87.42 28.10
C ASN A 481 2.74 87.07 29.58
N THR A 482 3.94 86.94 30.15
CA THR A 482 4.08 86.60 31.55
C THR A 482 4.15 87.86 32.42
N THR B 14 -10.28 29.22 7.43
CA THR B 14 -11.72 29.02 7.39
C THR B 14 -12.39 29.74 8.57
N LYS B 15 -13.43 30.52 8.27
CA LYS B 15 -14.14 31.31 9.26
C LYS B 15 -15.64 31.07 9.13
N MET B 16 -16.03 29.80 9.04
CA MET B 16 -17.42 29.41 8.87
C MET B 16 -17.91 28.68 10.11
N ARG B 17 -19.10 29.04 10.57
CA ARG B 17 -19.72 28.33 11.69
C ARG B 17 -20.18 26.95 11.25
N ILE B 18 -20.27 26.05 12.22
CA ILE B 18 -20.64 24.66 11.93
C ILE B 18 -22.14 24.49 12.17
N ARG B 19 -22.55 24.59 13.44
CA ARG B 19 -23.96 24.72 13.84
C ARG B 19 -24.90 23.87 13.01
N ALA B 20 -24.55 22.59 12.85
CA ALA B 20 -25.32 21.70 11.97
C ALA B 20 -25.52 20.34 12.63
N PHE B 21 -25.87 20.33 13.92
CA PHE B 21 -26.06 19.10 14.68
C PHE B 21 -27.45 19.06 15.30
N PRO B 22 -28.49 18.87 14.49
CA PRO B 22 -29.86 18.63 15.03
C PRO B 22 -30.15 17.14 15.17
N MET B 23 -29.48 16.49 16.12
CA MET B 23 -29.63 15.01 16.22
C MET B 23 -30.30 14.61 17.54
N THR B 24 -31.29 13.70 17.47
CA THR B 24 -31.96 13.18 18.69
C THR B 24 -32.49 11.77 18.41
N MET B 25 -32.29 10.84 19.35
CA MET B 25 -32.74 9.44 19.15
C MET B 25 -33.75 9.08 20.26
N ASP B 26 -34.55 10.05 20.69
CA ASP B 26 -35.51 9.82 21.81
C ASP B 26 -36.75 9.10 21.26
N GLU B 27 -36.60 7.85 20.82
CA GLU B 27 -37.76 7.05 20.34
C GLU B 27 -37.79 5.72 21.10
N LYS B 28 -38.76 5.54 22.00
CA LYS B 28 -38.83 4.31 22.81
C LYS B 28 -39.65 3.26 22.06
N TYR B 29 -38.98 2.40 21.28
CA TYR B 29 -39.68 1.33 20.52
C TYR B 29 -38.74 0.12 20.42
N VAL B 30 -37.76 0.05 21.33
CA VAL B 30 -36.76 -1.06 21.29
C VAL B 30 -37.49 -2.40 21.39
N ASN B 31 -38.53 -2.49 22.22
CA ASN B 31 -39.33 -3.74 22.32
C ASN B 31 -39.59 -4.28 20.91
N SER B 32 -40.09 -3.41 20.02
CA SER B 32 -40.40 -3.83 18.62
C SER B 32 -39.12 -4.25 17.91
N ILE B 33 -38.07 -3.43 18.00
CA ILE B 33 -36.79 -3.73 17.28
C ILE B 33 -36.18 -4.99 17.91
N TRP B 34 -36.40 -5.21 19.21
CA TRP B 34 -35.90 -6.43 19.88
C TRP B 34 -36.68 -7.65 19.40
N ASP B 35 -38.00 -7.66 19.58
CA ASP B 35 -38.78 -8.83 19.18
C ASP B 35 -38.40 -9.25 17.77
N LEU B 36 -38.25 -8.28 16.87
CA LEU B 36 -37.84 -8.59 15.51
C LEU B 36 -36.44 -9.20 15.48
N LEU B 37 -35.50 -8.63 16.23
CA LEU B 37 -34.14 -9.17 16.24
C LEU B 37 -34.11 -10.57 16.84
N LYS B 38 -34.94 -10.82 17.86
CA LYS B 38 -34.98 -12.14 18.48
C LYS B 38 -35.57 -13.17 17.52
N ASN B 39 -36.58 -12.78 16.75
CA ASN B 39 -37.08 -13.67 15.70
C ASN B 39 -35.98 -13.96 14.68
N ALA B 40 -35.17 -12.94 14.35
CA ALA B 40 -34.07 -13.15 13.44
C ALA B 40 -33.07 -14.15 14.01
N ILE B 41 -32.73 -14.02 15.29
CA ILE B 41 -31.79 -14.95 15.91
C ILE B 41 -32.37 -16.36 15.91
N GLN B 42 -33.66 -16.49 16.23
CA GLN B 42 -34.32 -17.78 16.17
C GLN B 42 -34.22 -18.40 14.79
N GLU B 43 -34.46 -17.61 13.75
CA GLU B 43 -34.38 -18.13 12.39
C GLU B 43 -32.97 -18.56 12.05
N ILE B 44 -31.96 -17.80 12.49
CA ILE B 44 -30.58 -18.18 12.20
C ILE B 44 -30.22 -19.47 12.93
N GLN B 45 -30.77 -19.66 14.13
CA GLN B 45 -30.47 -20.89 14.87
C GLN B 45 -30.93 -22.13 14.12
N ARG B 46 -32.01 -22.03 13.37
CA ARG B 46 -32.55 -23.16 12.63
C ARG B 46 -32.09 -23.18 11.17
N LYS B 47 -31.13 -22.33 10.82
CA LYS B 47 -30.53 -22.29 9.49
C LYS B 47 -31.57 -21.93 8.42
N ASN B 48 -32.15 -20.74 8.57
CA ASN B 48 -33.01 -20.12 7.57
C ASN B 48 -32.47 -18.76 7.18
N ASN B 49 -31.16 -18.67 6.96
CA ASN B 49 -30.54 -17.38 6.69
C ASN B 49 -30.79 -16.87 5.28
N SER B 50 -31.43 -17.66 4.43
CA SER B 50 -31.65 -17.26 3.04
C SER B 50 -32.69 -16.16 2.88
N GLY B 51 -33.41 -15.81 3.95
CA GLY B 51 -34.49 -14.85 3.79
C GLY B 51 -34.57 -13.77 4.86
N LEU B 52 -33.40 -13.33 5.36
CA LEU B 52 -33.35 -12.26 6.39
C LEU B 52 -32.53 -11.09 5.83
N SER B 53 -33.03 -9.86 5.99
CA SER B 53 -32.34 -8.66 5.44
C SER B 53 -31.23 -8.21 6.40
N PHE B 54 -29.97 -8.51 6.07
CA PHE B 54 -28.83 -8.17 6.98
C PHE B 54 -28.83 -6.67 7.30
N GLU B 55 -28.96 -5.82 6.27
CA GLU B 55 -28.87 -4.35 6.51
C GLU B 55 -29.94 -3.93 7.53
N GLU B 56 -31.16 -4.41 7.37
CA GLU B 56 -32.26 -4.05 8.30
C GLU B 56 -31.94 -4.62 9.69
N LEU B 57 -31.43 -5.85 9.75
CA LEU B 57 -31.07 -6.46 11.06
C LEU B 57 -30.01 -5.60 11.76
N TYR B 58 -28.99 -5.17 11.00
CA TYR B 58 -27.93 -4.30 11.59
C TYR B 58 -28.54 -2.96 12.01
N ARG B 59 -29.52 -2.47 11.23
CA ARG B 59 -30.20 -1.20 11.60
C ARG B 59 -30.87 -1.39 12.97
N ASN B 60 -31.63 -2.48 13.14
CA ASN B 60 -32.24 -2.78 14.47
C ASN B 60 -31.14 -2.71 15.53
N ALA B 61 -29.95 -3.24 15.20
CA ALA B 61 -28.86 -3.26 16.17
C ALA B 61 -28.33 -1.86 16.45
N TYR B 62 -28.24 -1.04 15.39
CA TYR B 62 -27.73 0.34 15.55
C TYR B 62 -28.66 1.15 16.46
N THR B 63 -29.96 1.07 16.23
CA THR B 63 -30.94 1.88 17.01
C THR B 63 -30.76 1.60 18.51
N MET B 64 -30.69 0.33 18.90
CA MET B 64 -30.55 -0.03 20.34
C MET B 64 -29.26 0.59 20.89
N VAL B 65 -28.20 0.62 20.09
CA VAL B 65 -26.91 1.24 20.53
C VAL B 65 -27.18 2.72 20.84
N LEU B 66 -27.84 3.44 19.93
CA LEU B 66 -28.16 4.88 20.15
C LEU B 66 -29.12 5.00 21.34
N HIS B 67 -30.11 4.11 21.44
CA HIS B 67 -31.11 4.17 22.54
C HIS B 67 -30.44 3.69 23.83
N LYS B 68 -29.22 3.14 23.74
CA LYS B 68 -28.49 2.63 24.92
C LYS B 68 -29.25 1.45 25.53
N HIS B 69 -29.94 0.67 24.69
CA HIS B 69 -30.65 -0.54 25.19
C HIS B 69 -29.83 -1.78 24.81
N GLY B 70 -28.53 -1.60 24.60
CA GLY B 70 -27.65 -2.73 24.25
C GLY B 70 -27.67 -3.82 25.31
N GLU B 71 -27.88 -3.44 26.57
CA GLU B 71 -27.94 -4.43 27.68
C GLU B 71 -29.14 -5.36 27.45
N LYS B 72 -30.28 -4.80 27.05
CA LYS B 72 -31.46 -5.64 26.74
C LYS B 72 -31.09 -6.61 25.62
N LEU B 73 -30.42 -6.11 24.57
CA LEU B 73 -29.97 -7.00 23.47
C LEU B 73 -28.97 -8.01 24.02
N TYR B 74 -28.08 -7.57 24.92
CA TYR B 74 -27.06 -8.48 25.53
C TYR B 74 -27.77 -9.58 26.32
N THR B 75 -28.48 -9.22 27.39
CA THR B 75 -29.20 -10.22 28.16
C THR B 75 -30.09 -11.07 27.25
N GLY B 76 -30.74 -10.44 26.28
CA GLY B 76 -31.57 -11.19 25.36
C GLY B 76 -30.78 -12.13 24.48
N LEU B 77 -29.60 -11.72 24.03
CA LEU B 77 -28.78 -12.59 23.22
C LEU B 77 -28.29 -13.78 24.02
N ARG B 78 -27.83 -13.54 25.25
CA ARG B 78 -27.42 -14.64 26.10
C ARG B 78 -28.58 -15.59 26.35
N GLU B 79 -29.77 -15.04 26.60
CA GLU B 79 -30.94 -15.87 26.86
C GLU B 79 -31.32 -16.70 25.63
N VAL B 80 -31.29 -16.09 24.45
CA VAL B 80 -31.73 -16.81 23.26
C VAL B 80 -30.73 -17.90 22.89
N VAL B 81 -29.44 -17.61 22.99
CA VAL B 81 -28.45 -18.64 22.67
C VAL B 81 -28.51 -19.77 23.70
N THR B 82 -28.63 -19.44 24.98
CA THR B 82 -28.71 -20.50 25.99
C THR B 82 -30.01 -21.27 25.88
N GLU B 83 -31.08 -20.63 25.40
CA GLU B 83 -32.34 -21.34 25.21
C GLU B 83 -32.22 -22.32 24.05
N HIS B 84 -31.62 -21.89 22.94
CA HIS B 84 -31.39 -22.81 21.84
C HIS B 84 -30.43 -23.92 22.22
N LEU B 85 -29.51 -23.66 23.16
CA LEU B 85 -28.64 -24.73 23.61
C LEU B 85 -29.34 -25.71 24.55
N ILE B 86 -30.24 -25.21 25.39
CA ILE B 86 -31.03 -26.09 26.26
C ILE B 86 -31.95 -26.97 25.41
N ASN B 87 -32.65 -26.35 24.46
CA ASN B 87 -33.58 -27.06 23.60
C ASN B 87 -33.07 -27.11 22.17
N LYS B 88 -32.99 -28.31 21.61
CA LYS B 88 -32.61 -28.66 20.25
C LYS B 88 -31.09 -28.73 20.09
N VAL B 89 -30.32 -28.65 21.18
CA VAL B 89 -28.92 -29.06 21.11
C VAL B 89 -28.62 -30.09 22.19
N ARG B 90 -29.00 -29.79 23.43
CA ARG B 90 -28.67 -30.68 24.54
C ARG B 90 -29.25 -32.06 24.33
N GLU B 91 -30.58 -32.18 24.32
CA GLU B 91 -31.16 -33.49 24.09
C GLU B 91 -31.00 -33.94 22.64
N ASP B 92 -30.59 -33.06 21.74
CA ASP B 92 -30.26 -33.49 20.40
C ASP B 92 -29.08 -34.46 20.42
N VAL B 93 -28.10 -34.18 21.27
CA VAL B 93 -26.96 -35.08 21.41
C VAL B 93 -27.18 -36.14 22.50
N LEU B 94 -28.04 -35.85 23.49
CA LEU B 94 -28.42 -36.88 24.46
C LEU B 94 -29.11 -38.05 23.77
N ASN B 95 -30.06 -37.75 22.87
CA ASN B 95 -30.79 -38.81 22.18
C ASN B 95 -29.88 -39.63 21.28
N SER B 96 -28.68 -39.13 20.98
CA SER B 96 -27.66 -39.85 20.23
C SER B 96 -26.44 -40.14 21.07
N LEU B 97 -26.64 -40.27 22.39
CA LEU B 97 -25.51 -40.44 23.31
C LEU B 97 -24.73 -41.71 23.00
N ASN B 98 -25.43 -42.80 22.73
CA ASN B 98 -24.78 -44.06 22.38
C ASN B 98 -24.84 -44.37 20.89
N ASN B 99 -25.62 -43.59 20.14
CA ASN B 99 -25.80 -43.85 18.69
C ASN B 99 -25.12 -42.74 17.88
N ASN B 100 -24.10 -43.09 17.10
CA ASN B 100 -23.40 -42.10 16.25
C ASN B 100 -23.03 -40.88 17.11
N PHE B 101 -22.40 -41.12 18.27
CA PHE B 101 -21.99 -40.02 19.17
C PHE B 101 -20.74 -39.34 18.60
N LEU B 102 -20.32 -38.22 19.20
CA LEU B 102 -19.09 -37.49 18.76
C LEU B 102 -19.36 -36.81 17.41
N GLN B 103 -19.77 -37.59 16.39
CA GLN B 103 -20.12 -37.00 15.08
C GLN B 103 -21.22 -35.96 15.29
N THR B 104 -22.29 -36.35 16.01
CA THR B 104 -23.40 -35.42 16.29
C THR B 104 -22.88 -34.21 17.07
N LEU B 105 -22.01 -34.46 18.06
CA LEU B 105 -21.44 -33.37 18.89
C LEU B 105 -20.68 -32.39 17.98
N ASN B 106 -19.82 -32.92 17.11
CA ASN B 106 -19.01 -32.07 16.20
C ASN B 106 -19.96 -31.35 15.23
N GLN B 107 -20.94 -32.07 14.67
CA GLN B 107 -21.93 -31.44 13.76
C GLN B 107 -22.60 -30.27 14.50
N ALA B 108 -23.24 -30.57 15.64
CA ALA B 108 -23.86 -29.51 16.43
C ALA B 108 -22.89 -28.36 16.67
N TRP B 109 -21.63 -28.69 16.97
CA TRP B 109 -20.64 -27.65 17.18
C TRP B 109 -20.40 -26.85 15.92
N ASN B 110 -20.33 -27.51 14.76
CA ASN B 110 -20.11 -26.77 13.51
C ASN B 110 -21.29 -25.87 13.18
N ASP B 111 -22.51 -26.38 13.36
CA ASP B 111 -23.68 -25.56 13.12
C ASP B 111 -23.71 -24.37 14.07
N HIS B 112 -23.36 -24.59 15.33
CA HIS B 112 -23.31 -23.50 16.29
C HIS B 112 -22.24 -22.48 15.92
N GLN B 113 -21.10 -22.96 15.44
CA GLN B 113 -20.03 -22.05 15.05
C GLN B 113 -20.46 -21.15 13.91
N THR B 114 -21.08 -21.74 12.87
CA THR B 114 -21.54 -20.91 11.76
C THR B 114 -22.67 -19.98 12.18
N ALA B 115 -23.54 -20.45 13.07
CA ALA B 115 -24.63 -19.60 13.56
C ALA B 115 -24.09 -18.41 14.31
N MET B 116 -23.12 -18.64 15.19
CA MET B 116 -22.55 -17.54 15.97
C MET B 116 -21.73 -16.61 15.09
N VAL B 117 -21.10 -17.13 14.05
CA VAL B 117 -20.42 -16.25 13.10
C VAL B 117 -21.42 -15.31 12.46
N MET B 118 -22.57 -15.84 12.02
CA MET B 118 -23.59 -14.98 11.43
C MET B 118 -24.13 -13.98 12.44
N ILE B 119 -24.37 -14.42 13.68
CA ILE B 119 -24.93 -13.53 14.69
C ILE B 119 -23.97 -12.40 15.00
N ARG B 120 -22.68 -12.71 15.12
CA ARG B 120 -21.68 -11.67 15.29
C ARG B 120 -21.64 -10.76 14.06
N ASP B 121 -21.89 -11.32 12.88
CA ASP B 121 -21.86 -10.51 11.66
C ASP B 121 -22.99 -9.49 11.64
N ILE B 122 -24.19 -9.89 12.06
CA ILE B 122 -25.33 -8.97 11.99
C ILE B 122 -25.47 -8.10 13.24
N LEU B 123 -24.84 -8.47 14.34
CA LEU B 123 -24.86 -7.69 15.57
C LEU B 123 -23.49 -7.08 15.86
N MET B 124 -22.74 -6.76 14.79
CA MET B 124 -21.33 -6.47 14.99
C MET B 124 -21.12 -5.14 15.70
N TYR B 125 -22.13 -4.27 15.75
CA TYR B 125 -21.96 -3.02 16.49
C TYR B 125 -21.70 -3.29 17.96
N MET B 126 -22.41 -4.25 18.54
CA MET B 126 -22.19 -4.61 19.94
C MET B 126 -20.73 -4.96 20.19
N ASP B 127 -20.08 -5.58 19.21
CA ASP B 127 -18.69 -5.96 19.38
C ASP B 127 -17.74 -4.78 19.24
N ARG B 128 -18.25 -3.59 18.89
CA ARG B 128 -17.37 -2.44 18.67
C ARG B 128 -17.54 -1.32 19.68
N VAL B 129 -18.71 -1.17 20.30
CA VAL B 129 -18.89 -0.11 21.29
C VAL B 129 -19.45 -0.60 22.62
N TYR B 130 -20.11 -1.74 22.69
CA TYR B 130 -20.49 -2.30 23.97
C TYR B 130 -19.42 -3.25 24.49
N VAL B 131 -19.08 -4.27 23.69
CA VAL B 131 -18.10 -5.26 24.14
C VAL B 131 -16.78 -4.60 24.48
N GLN B 132 -16.34 -3.65 23.65
CA GLN B 132 -15.04 -3.03 23.89
C GLN B 132 -15.07 -2.05 25.06
N GLN B 133 -16.16 -1.28 25.19
CA GLN B 133 -16.19 -0.20 26.17
C GLN B 133 -16.83 -0.58 27.50
N ASN B 134 -17.26 -1.84 27.66
CA ASN B 134 -17.82 -2.26 28.94
C ASN B 134 -17.14 -3.50 29.50
N ASN B 135 -15.99 -3.90 28.95
CA ASN B 135 -15.17 -4.98 29.49
C ASN B 135 -15.99 -6.27 29.65
N VAL B 136 -16.58 -6.72 28.55
CA VAL B 136 -17.36 -7.94 28.51
C VAL B 136 -16.92 -8.77 27.32
N GLU B 137 -17.26 -10.06 27.35
CA GLU B 137 -16.83 -11.00 26.33
C GLU B 137 -17.52 -10.73 25.00
N ASN B 138 -16.79 -10.96 23.91
CA ASN B 138 -17.32 -10.73 22.58
C ASN B 138 -18.48 -11.68 22.31
N VAL B 139 -19.19 -11.41 21.20
CA VAL B 139 -20.30 -12.27 20.82
C VAL B 139 -19.80 -13.65 20.44
N TYR B 140 -18.70 -13.73 19.69
CA TYR B 140 -18.13 -15.02 19.35
C TYR B 140 -17.66 -15.75 20.60
N ASN B 141 -16.97 -15.04 21.48
CA ASN B 141 -16.53 -15.66 22.72
C ASN B 141 -17.70 -16.00 23.62
N LEU B 142 -18.78 -15.21 23.57
CA LEU B 142 -19.97 -15.55 24.34
C LEU B 142 -20.57 -16.86 23.84
N GLY B 143 -20.64 -17.04 22.52
CA GLY B 143 -21.13 -18.29 21.99
C GLY B 143 -20.25 -19.46 22.36
N LEU B 144 -18.93 -19.29 22.28
CA LEU B 144 -18.03 -20.36 22.66
C LEU B 144 -18.20 -20.72 24.14
N ILE B 145 -18.31 -19.71 25.00
CA ILE B 145 -18.43 -19.96 26.43
C ILE B 145 -19.76 -20.64 26.73
N ILE B 146 -20.84 -20.22 26.07
CA ILE B 146 -22.13 -20.81 26.39
C ILE B 146 -22.18 -22.24 25.87
N PHE B 147 -21.50 -22.53 24.77
CA PHE B 147 -21.37 -23.91 24.32
C PHE B 147 -20.58 -24.73 25.33
N ARG B 148 -19.51 -24.15 25.87
CA ARG B 148 -18.67 -24.87 26.82
C ARG B 148 -19.39 -25.13 28.13
N ASP B 149 -20.31 -24.24 28.50
CA ASP B 149 -21.04 -24.39 29.75
C ASP B 149 -22.30 -25.23 29.60
N GLN B 150 -22.86 -25.31 28.40
CA GLN B 150 -24.13 -26.01 28.20
C GLN B 150 -23.95 -27.42 27.62
N VAL B 151 -23.32 -27.54 26.46
CA VAL B 151 -23.26 -28.85 25.80
C VAL B 151 -22.17 -29.71 26.42
N VAL B 152 -20.92 -29.26 26.37
CA VAL B 152 -19.88 -29.96 27.10
C VAL B 152 -19.92 -29.53 28.56
N ARG B 153 -19.21 -30.28 29.40
CA ARG B 153 -19.32 -30.14 30.86
C ARG B 153 -20.76 -30.26 31.33
N TYR B 154 -21.57 -31.03 30.60
CA TYR B 154 -22.93 -31.31 31.06
C TYR B 154 -22.91 -32.15 32.33
N GLY B 155 -21.98 -33.09 32.42
CA GLY B 155 -22.00 -34.12 33.44
C GLY B 155 -22.38 -35.47 32.90
N CYS B 156 -23.10 -35.50 31.78
CA CYS B 156 -23.35 -36.72 31.02
C CYS B 156 -22.74 -36.66 29.63
N ILE B 157 -22.83 -35.51 28.96
CA ILE B 157 -22.18 -35.35 27.66
C ILE B 157 -20.67 -35.37 27.83
N ARG B 158 -20.16 -34.70 28.87
CA ARG B 158 -18.72 -34.66 29.08
C ARG B 158 -18.19 -36.05 29.41
N ASP B 159 -18.89 -36.79 30.26
CA ASP B 159 -18.44 -38.12 30.64
C ASP B 159 -18.40 -39.02 29.42
N HIS B 160 -19.48 -38.98 28.62
CA HIS B 160 -19.55 -39.86 27.42
C HIS B 160 -18.49 -39.43 26.40
N LEU B 161 -18.38 -38.12 26.15
CA LEU B 161 -17.38 -37.61 25.18
C LEU B 161 -15.99 -38.09 25.59
N ARG B 162 -15.64 -37.90 26.86
CA ARG B 162 -14.30 -38.31 27.36
C ARG B 162 -14.11 -39.81 27.11
N GLN B 163 -15.08 -40.64 27.52
CA GLN B 163 -14.94 -42.12 27.39
C GLN B 163 -14.75 -42.47 25.91
N THR B 164 -15.57 -41.90 25.02
CA THR B 164 -15.49 -42.28 23.58
C THR B 164 -14.07 -41.97 23.06
N LEU B 165 -13.55 -40.78 23.36
CA LEU B 165 -12.19 -40.42 22.90
C LEU B 165 -11.17 -41.36 23.53
N LEU B 166 -11.30 -41.63 24.83
CA LEU B 166 -10.34 -42.52 25.54
C LEU B 166 -10.41 -43.94 24.96
N ASP B 167 -11.61 -44.47 24.80
CA ASP B 167 -11.78 -45.86 24.28
C ASP B 167 -11.26 -45.94 22.84
N MET B 168 -11.60 -44.95 22.01
CA MET B 168 -11.16 -44.96 20.59
C MET B 168 -9.63 -44.92 20.53
N ILE B 169 -9.01 -44.02 21.30
CA ILE B 169 -7.53 -43.86 21.22
C ILE B 169 -6.87 -45.12 21.79
N ALA B 170 -7.59 -45.88 22.64
CA ALA B 170 -7.04 -47.14 23.13
C ALA B 170 -7.14 -48.23 22.08
N ARG B 171 -8.30 -48.33 21.40
CA ARG B 171 -8.46 -49.32 20.34
C ARG B 171 -7.48 -49.05 19.21
N GLU B 172 -7.26 -47.78 18.87
CA GLU B 172 -6.22 -47.45 17.91
C GLU B 172 -4.85 -47.87 18.44
N ARG B 173 -4.63 -47.68 19.74
CA ARG B 173 -3.37 -48.10 20.35
C ARG B 173 -3.20 -49.61 20.28
N LYS B 174 -4.27 -50.35 20.52
CA LYS B 174 -4.20 -51.82 20.44
C LYS B 174 -4.11 -52.27 19.00
N GLU B 176 -6.33 -52.49 16.48
CA GLU B 176 -7.59 -52.15 15.82
C GLU B 176 -7.48 -50.82 15.10
N VAL B 177 -8.42 -50.57 14.20
CA VAL B 177 -8.48 -49.34 13.43
C VAL B 177 -9.79 -48.62 13.75
N VAL B 178 -9.70 -47.33 14.05
CA VAL B 178 -10.85 -46.50 14.40
C VAL B 178 -10.76 -45.20 13.62
N ASP B 179 -11.83 -44.41 13.72
CA ASP B 179 -11.90 -43.16 12.99
C ASP B 179 -10.86 -42.20 13.55
N ARG B 180 -10.24 -41.43 12.66
CA ARG B 180 -9.24 -40.46 13.05
C ARG B 180 -9.66 -39.02 12.80
N GLY B 181 -10.56 -38.81 11.84
CA GLY B 181 -11.07 -37.45 11.56
C GLY B 181 -11.87 -36.91 12.75
N ALA B 182 -12.80 -37.70 13.28
CA ALA B 182 -13.67 -37.22 14.39
C ALA B 182 -12.82 -36.86 15.60
N ILE B 183 -11.89 -37.74 16.01
CA ILE B 183 -11.09 -37.48 17.24
C ILE B 183 -10.28 -36.20 17.02
N ARG B 184 -9.81 -35.95 15.79
CA ARG B 184 -9.11 -34.71 15.50
C ARG B 184 -10.05 -33.51 15.63
N ASN B 185 -11.26 -33.64 15.09
CA ASN B 185 -12.25 -32.54 15.17
C ASN B 185 -12.55 -32.23 16.64
N ALA B 186 -12.85 -33.26 17.43
CA ALA B 186 -13.18 -33.06 18.87
C ALA B 186 -11.98 -32.41 19.59
N CYS B 187 -10.77 -32.90 19.32
CA CYS B 187 -9.55 -32.35 19.96
C CYS B 187 -9.47 -30.85 19.64
N GLN B 188 -9.66 -30.48 18.37
CA GLN B 188 -9.61 -29.08 17.96
C GLN B 188 -10.71 -28.28 18.62
N MET B 189 -11.90 -28.86 18.72
CA MET B 189 -13.01 -28.19 19.39
C MET B 189 -12.68 -27.93 20.85
N LEU B 190 -12.09 -28.92 21.52
CA LEU B 190 -11.74 -28.75 22.92
C LEU B 190 -10.71 -27.63 23.09
N MET B 191 -9.74 -27.54 22.19
CA MET B 191 -8.78 -26.45 22.29
C MET B 191 -9.44 -25.10 22.07
N ILE B 192 -10.20 -24.95 20.98
CA ILE B 192 -10.77 -23.63 20.68
C ILE B 192 -11.83 -23.25 21.69
N LEU B 193 -12.32 -24.20 22.48
CA LEU B 193 -13.26 -23.88 23.54
C LEU B 193 -12.59 -23.27 24.75
N GLY B 194 -11.27 -23.23 24.80
CA GLY B 194 -10.57 -22.66 25.93
C GLY B 194 -10.23 -21.21 25.73
N LEU B 195 -10.90 -20.55 24.80
CA LEU B 195 -10.64 -19.17 24.40
C LEU B 195 -9.18 -19.12 23.94
N GLU B 196 -8.33 -18.25 24.51
CA GLU B 196 -6.93 -18.26 24.10
C GLU B 196 -6.21 -19.51 24.59
N GLY B 197 -6.51 -19.95 25.80
CA GLY B 197 -5.78 -21.05 26.42
C GLY B 197 -6.30 -22.41 26.01
N ARG B 198 -5.96 -23.40 26.82
CA ARG B 198 -6.35 -24.79 26.58
C ARG B 198 -6.82 -25.45 27.87
N SER B 199 -7.50 -24.67 28.71
CA SER B 199 -7.99 -25.21 29.98
C SER B 199 -8.99 -26.32 29.76
N VAL B 200 -9.89 -26.16 28.79
CA VAL B 200 -10.86 -27.21 28.49
C VAL B 200 -10.14 -28.48 28.05
N TYR B 201 -9.14 -28.33 27.19
CA TYR B 201 -8.33 -29.46 26.79
C TYR B 201 -7.65 -30.11 27.99
N GLU B 202 -7.06 -29.29 28.86
CA GLU B 202 -6.31 -29.83 29.98
C GLU B 202 -7.19 -30.62 30.93
N GLU B 203 -8.38 -30.11 31.22
CA GLU B 203 -9.23 -30.73 32.22
C GLU B 203 -10.23 -31.73 31.64
N ASP B 204 -10.33 -31.81 30.32
CA ASP B 204 -11.34 -32.67 29.69
C ASP B 204 -10.76 -33.90 29.03
N PHE B 205 -9.75 -33.74 28.19
CA PHE B 205 -9.15 -34.87 27.50
C PHE B 205 -7.68 -35.08 27.83
N GLU B 206 -6.92 -34.02 28.11
CA GLU B 206 -5.50 -34.18 28.37
C GLU B 206 -5.24 -35.05 29.58
N ALA B 207 -5.84 -34.72 30.72
CA ALA B 207 -5.57 -35.47 31.94
C ALA B 207 -6.03 -36.91 31.84
N PRO B 208 -7.25 -37.24 31.44
CA PRO B 208 -7.63 -38.66 31.37
C PRO B 208 -6.80 -39.44 30.36
N PHE B 209 -6.51 -38.85 29.21
CA PHE B 209 -5.70 -39.55 28.22
C PHE B 209 -4.29 -39.81 28.75
N LEU B 210 -3.69 -38.81 29.39
CA LEU B 210 -2.35 -39.00 29.96
C LEU B 210 -2.35 -40.06 31.03
N GLU B 211 -3.34 -40.06 31.92
CA GLU B 211 -3.38 -41.04 32.99
C GLU B 211 -3.62 -42.45 32.47
N MET B 212 -4.54 -42.59 31.50
CA MET B 212 -4.80 -43.92 30.97
C MET B 212 -3.60 -44.41 30.18
N SER B 213 -2.91 -43.51 29.48
CA SER B 213 -1.70 -43.89 28.78
C SER B 213 -0.62 -44.32 29.76
N ALA B 214 -0.53 -43.64 30.90
CA ALA B 214 0.41 -44.06 31.93
C ALA B 214 0.11 -45.46 32.41
N GLU B 215 -1.16 -45.75 32.67
CA GLU B 215 -1.53 -47.10 33.09
C GLU B 215 -1.22 -48.13 32.02
N PHE B 216 -1.56 -47.83 30.77
CA PHE B 216 -1.33 -48.76 29.68
C PHE B 216 0.15 -49.02 29.48
N PHE B 217 0.97 -47.97 29.57
CA PHE B 217 2.40 -48.13 29.38
C PHE B 217 3.05 -48.82 30.58
N GLN B 218 2.47 -48.68 31.78
CA GLN B 218 3.02 -49.43 32.90
C GLN B 218 2.69 -50.91 32.77
N MET B 219 1.48 -51.22 32.29
CA MET B 219 1.15 -52.61 31.97
C MET B 219 2.09 -53.15 30.90
N GLU B 220 2.34 -52.34 29.86
CA GLU B 220 3.25 -52.77 28.82
C GLU B 220 4.68 -52.89 29.34
N SER B 221 5.06 -52.07 30.32
CA SER B 221 6.39 -52.18 30.90
C SER B 221 6.55 -53.48 31.66
N GLN B 222 5.55 -53.84 32.46
CA GLN B 222 5.61 -55.11 33.16
C GLN B 222 5.52 -56.30 32.20
N LYS B 223 4.86 -56.12 31.05
CA LYS B 223 4.73 -57.22 30.11
C LYS B 223 5.98 -57.38 29.26
N PHE B 224 6.63 -56.27 28.90
CA PHE B 224 7.74 -56.33 27.96
C PHE B 224 8.97 -57.00 28.56
N LEU B 225 9.14 -56.89 29.87
CA LEU B 225 10.31 -57.45 30.53
C LEU B 225 10.15 -58.95 30.75
N GLU B 227 10.09 -59.61 26.03
CA GLU B 227 10.08 -60.62 27.09
C GLU B 227 11.44 -61.27 27.24
N ASN B 228 12.18 -60.83 28.27
CA ASN B 228 13.52 -61.34 28.56
C ASN B 228 14.43 -61.22 27.34
N SER B 229 14.33 -60.08 26.65
CA SER B 229 15.18 -59.78 25.51
C SER B 229 15.51 -58.29 25.53
N ALA B 230 16.56 -57.92 24.82
CA ALA B 230 17.01 -56.53 24.80
C ALA B 230 16.92 -55.90 23.43
N SER B 231 17.47 -56.54 22.40
CA SER B 231 17.45 -55.95 21.06
C SER B 231 16.02 -55.85 20.55
N VAL B 232 15.25 -56.94 20.65
CA VAL B 232 13.85 -56.90 20.24
C VAL B 232 13.08 -55.93 21.11
N TYR B 233 13.33 -55.96 22.42
CA TYR B 233 12.64 -55.06 23.34
C TYR B 233 12.92 -53.60 23.00
N ILE B 234 14.18 -53.26 22.78
CA ILE B 234 14.51 -51.86 22.56
C ILE B 234 14.01 -51.41 21.19
N LYS B 235 14.10 -52.28 20.17
CA LYS B 235 13.61 -51.91 18.85
C LYS B 235 12.10 -51.71 18.86
N LYS B 236 11.37 -52.59 19.53
CA LYS B 236 9.93 -52.46 19.59
C LYS B 236 9.48 -51.32 20.50
N VAL B 237 10.29 -50.96 21.50
CA VAL B 237 10.00 -49.74 22.24
C VAL B 237 10.21 -48.52 21.35
N GLU B 238 11.24 -48.53 20.50
CA GLU B 238 11.42 -47.45 19.55
C GLU B 238 10.22 -47.36 18.60
N ALA B 239 9.75 -48.51 18.14
CA ALA B 239 8.55 -48.53 17.30
C ALA B 239 7.36 -47.96 18.03
N ARG B 240 7.20 -48.30 19.31
CA ARG B 240 6.05 -47.84 20.07
C ARG B 240 6.08 -46.33 20.27
N ILE B 241 7.25 -45.78 20.63
CA ILE B 241 7.31 -44.33 20.84
C ILE B 241 7.13 -43.59 19.52
N ASN B 242 7.69 -44.14 18.44
CA ASN B 242 7.46 -43.52 17.14
C ASN B 242 5.99 -43.56 16.77
N GLU B 243 5.31 -44.67 17.07
CA GLU B 243 3.88 -44.76 16.81
C GLU B 243 3.11 -43.73 17.63
N GLU B 244 3.49 -43.55 18.89
CA GLU B 244 2.80 -42.59 19.74
C GLU B 244 2.95 -41.17 19.21
N ILE B 245 4.18 -40.79 18.83
CA ILE B 245 4.39 -39.43 18.35
C ILE B 245 3.70 -39.23 17.00
N GLU B 246 3.72 -40.25 16.14
CA GLU B 246 3.03 -40.15 14.86
C GLU B 246 1.53 -39.99 15.07
N ARG B 247 0.95 -40.77 15.97
CA ARG B 247 -0.47 -40.66 16.23
C ARG B 247 -0.82 -39.30 16.78
N VAL B 248 -0.04 -38.79 17.73
CA VAL B 248 -0.37 -37.51 18.34
C VAL B 248 -0.27 -36.39 17.30
N MET B 249 0.75 -36.43 16.46
CA MET B 249 0.86 -35.39 15.44
C MET B 249 -0.24 -35.53 14.39
N HIS B 250 -0.74 -36.75 14.17
CA HIS B 250 -1.79 -36.94 13.18
C HIS B 250 -3.15 -36.51 13.71
N CYS B 251 -3.58 -37.10 14.83
CA CYS B 251 -4.94 -36.88 15.33
C CYS B 251 -5.02 -35.81 16.40
N LEU B 252 -4.34 -36.02 17.53
CA LEU B 252 -4.42 -35.08 18.65
C LEU B 252 -3.72 -33.77 18.29
N ASP B 253 -3.78 -32.83 19.23
CA ASP B 253 -3.22 -31.51 18.97
C ASP B 253 -1.76 -31.43 19.40
N LYS B 254 -1.05 -30.44 18.85
CA LYS B 254 0.40 -30.38 18.93
C LYS B 254 0.91 -30.19 20.35
N SER B 255 0.26 -29.35 21.17
CA SER B 255 0.74 -29.11 22.52
C SER B 255 0.74 -30.38 23.36
N THR B 256 0.00 -31.40 22.95
CA THR B 256 -0.01 -32.68 23.65
C THR B 256 1.26 -33.47 23.40
N GLU B 257 1.93 -33.26 22.26
CA GLU B 257 3.05 -34.11 21.87
C GLU B 257 4.22 -34.03 22.84
N GLU B 258 4.35 -32.92 23.58
CA GLU B 258 5.44 -32.86 24.56
C GLU B 258 5.15 -33.76 25.76
N PRO B 259 4.09 -33.55 26.54
CA PRO B 259 3.93 -34.36 27.76
C PRO B 259 3.77 -35.85 27.51
N ILE B 260 3.19 -36.27 26.37
CA ILE B 260 3.01 -37.70 26.16
C ILE B 260 4.36 -38.39 26.01
N VAL B 261 5.24 -37.86 25.14
CA VAL B 261 6.52 -38.50 24.90
C VAL B 261 7.30 -38.63 26.19
N LYS B 262 7.37 -37.54 26.97
CA LYS B 262 8.00 -37.60 28.27
C LYS B 262 7.42 -38.74 29.11
N VAL B 263 6.10 -38.81 29.21
CA VAL B 263 5.50 -39.88 29.99
C VAL B 263 5.91 -41.23 29.44
N VAL B 264 5.97 -41.35 28.11
CA VAL B 264 6.48 -42.57 27.49
C VAL B 264 7.86 -42.89 28.05
N GLU B 265 8.80 -41.95 27.91
CA GLU B 265 10.15 -42.22 28.38
C GLU B 265 10.23 -42.21 29.90
N ARG B 266 9.14 -41.84 30.57
CA ARG B 266 9.13 -41.97 32.02
C ARG B 266 8.65 -43.35 32.44
N GLU B 267 7.85 -44.00 31.60
CA GLU B 267 7.23 -45.24 32.01
C GLU B 267 7.65 -46.46 31.20
N LEU B 268 8.11 -46.28 29.97
CA LEU B 268 8.40 -47.44 29.14
C LEU B 268 9.81 -47.95 29.33
N ILE B 269 10.78 -47.07 29.55
CA ILE B 269 12.17 -47.48 29.70
C ILE B 269 12.78 -47.01 31.02
N SER B 270 12.59 -45.74 31.39
CA SER B 270 13.21 -45.25 32.61
C SER B 270 12.56 -45.80 33.86
N LYS B 271 11.36 -46.37 33.75
CA LYS B 271 10.75 -47.01 34.90
C LYS B 271 11.57 -48.20 35.37
N HIS B 272 12.06 -49.01 34.43
CA HIS B 272 12.86 -50.19 34.73
C HIS B 272 14.10 -50.21 33.86
N MET B 273 14.81 -49.07 33.81
CA MET B 273 16.00 -48.95 32.97
C MET B 273 17.13 -49.82 33.49
N LYS B 274 17.27 -49.94 34.81
CA LYS B 274 18.39 -50.68 35.36
C LYS B 274 18.28 -52.17 35.10
N THR B 275 17.07 -52.70 34.99
CA THR B 275 16.93 -54.14 34.82
C THR B 275 17.00 -54.55 33.35
N ILE B 276 16.92 -53.58 32.44
CA ILE B 276 17.00 -53.92 31.02
C ILE B 276 18.38 -53.69 30.43
N VAL B 277 19.25 -52.96 31.14
CA VAL B 277 20.62 -52.81 30.65
C VAL B 277 21.37 -54.13 30.76
N GLU B 278 21.11 -54.89 31.81
CA GLU B 278 21.72 -56.20 31.99
C GLU B 278 20.65 -57.28 32.13
N MET B 279 20.69 -58.26 31.24
CA MET B 279 19.93 -59.51 31.34
C MET B 279 20.76 -60.57 30.66
N GLU B 280 20.85 -61.76 31.28
CA GLU B 280 21.83 -62.75 30.85
C GLU B 280 21.59 -63.19 29.41
N ASN B 281 20.34 -63.46 29.06
CA ASN B 281 20.05 -64.09 27.77
C ASN B 281 20.23 -63.13 26.59
N SER B 282 19.98 -61.85 26.78
CA SER B 282 20.07 -60.90 25.67
C SER B 282 20.78 -59.61 26.06
N LEU B 284 21.59 -55.22 25.98
CA LEU B 284 22.62 -55.44 24.97
C LEU B 284 23.99 -55.27 25.58
N VAL B 285 24.05 -54.49 26.66
CA VAL B 285 25.32 -54.07 27.22
C VAL B 285 26.08 -55.26 27.80
N HIS B 286 25.36 -56.21 28.40
CA HIS B 286 26.04 -57.33 29.04
C HIS B 286 26.87 -58.11 28.04
N MET B 287 26.29 -58.51 26.91
CA MET B 287 27.08 -59.10 25.83
C MET B 287 27.30 -58.06 24.74
N LEU B 288 28.28 -57.21 24.98
CA LEU B 288 28.82 -56.31 23.98
C LEU B 288 29.93 -56.95 23.17
N LYS B 289 30.37 -58.15 23.57
CA LYS B 289 31.41 -58.85 22.81
C LYS B 289 30.96 -59.20 21.40
N ASN B 290 29.65 -59.17 21.13
CA ASN B 290 29.18 -59.35 19.76
C ASN B 290 29.77 -58.29 18.85
N GLY B 291 29.93 -57.07 19.35
CA GLY B 291 30.54 -56.00 18.60
C GLY B 291 29.66 -55.37 17.55
N LYS B 292 28.36 -55.68 17.54
CA LYS B 292 27.50 -55.13 16.49
C LYS B 292 27.27 -53.65 16.73
N THR B 293 27.52 -52.85 15.68
CA THR B 293 27.34 -51.40 15.79
C THR B 293 25.88 -51.05 16.07
N GLU B 294 24.95 -51.69 15.34
CA GLU B 294 23.54 -51.40 15.55
C GLU B 294 23.08 -51.82 16.93
N ASP B 295 23.59 -52.97 17.41
CA ASP B 295 23.08 -53.55 18.65
C ASP B 295 23.24 -52.61 19.83
N LEU B 296 24.40 -51.97 19.93
CA LEU B 296 24.61 -51.00 21.00
C LEU B 296 24.19 -49.60 20.61
N GLY B 297 24.25 -49.28 19.31
CA GLY B 297 23.89 -47.94 18.88
C GLY B 297 22.42 -47.62 19.11
N CYS B 298 21.54 -48.57 18.80
CA CYS B 298 20.12 -48.35 19.02
C CYS B 298 19.83 -48.19 20.51
N MET B 299 20.46 -49.02 21.33
CA MET B 299 20.22 -48.95 22.77
C MET B 299 20.72 -47.63 23.35
N TYR B 300 21.88 -47.15 22.90
CA TYR B 300 22.33 -45.83 23.33
C TYR B 300 21.37 -44.74 22.86
N LYS B 301 21.05 -44.73 21.57
CA LYS B 301 20.22 -43.66 21.02
C LYS B 301 18.83 -43.65 21.62
N LEU B 302 18.39 -44.78 22.17
CA LEU B 302 17.08 -44.84 22.80
C LEU B 302 17.14 -44.58 24.29
N PHE B 303 18.30 -44.70 24.92
CA PHE B 303 18.44 -44.26 26.30
C PHE B 303 18.95 -42.83 26.41
N SER B 304 19.19 -42.15 25.29
CA SER B 304 19.80 -40.82 25.36
C SER B 304 18.82 -39.78 25.86
N ARG B 305 17.52 -39.99 25.64
CA ARG B 305 16.54 -38.96 25.99
C ARG B 305 16.29 -38.90 27.49
N VAL B 306 16.38 -40.02 28.19
CA VAL B 306 16.05 -40.06 29.61
C VAL B 306 17.15 -39.38 30.41
N PRO B 307 16.82 -38.38 31.23
CA PRO B 307 17.83 -37.82 32.13
C PRO B 307 18.33 -38.86 33.11
N ASN B 308 19.63 -38.81 33.41
CA ASN B 308 20.35 -39.77 34.23
C ASN B 308 20.51 -41.11 33.53
N GLY B 309 19.90 -41.28 32.35
CA GLY B 309 19.98 -42.58 31.67
C GLY B 309 21.39 -42.94 31.27
N LEU B 310 22.17 -41.95 30.83
CA LEU B 310 23.55 -42.21 30.42
C LEU B 310 24.38 -42.79 31.56
N LYS B 311 24.02 -42.47 32.80
CA LYS B 311 24.83 -42.89 33.94
C LYS B 311 24.82 -44.41 34.10
N THR B 312 23.66 -45.04 33.92
CA THR B 312 23.59 -46.47 34.17
C THR B 312 24.36 -47.26 33.12
N MET B 313 24.29 -46.84 31.85
CA MET B 313 25.09 -47.48 30.82
C MET B 313 26.57 -47.25 31.06
N CYS B 314 26.93 -46.04 31.51
CA CYS B 314 28.33 -45.80 31.86
C CYS B 314 28.78 -46.74 32.96
N GLU B 315 27.95 -46.95 33.97
CA GLU B 315 28.33 -47.84 35.06
C GLU B 315 28.50 -49.27 34.59
N CYS B 316 27.58 -49.76 33.75
CA CYS B 316 27.73 -51.12 33.24
C CYS B 316 29.00 -51.26 32.41
N MET B 317 29.26 -50.28 31.54
CA MET B 317 30.47 -50.30 30.73
C MET B 317 31.71 -50.30 31.61
N SER B 318 31.70 -49.47 32.64
CA SER B 318 32.84 -49.37 33.55
C SER B 318 33.07 -50.67 34.27
N SER B 319 32.00 -51.32 34.73
CA SER B 319 32.17 -52.60 35.42
C SER B 319 32.78 -53.63 34.49
N TYR B 320 32.28 -53.70 33.26
CA TYR B 320 32.84 -54.68 32.32
C TYR B 320 34.31 -54.41 32.03
N LEU B 321 34.65 -53.13 31.80
CA LEU B 321 36.04 -52.80 31.50
C LEU B 321 36.95 -53.09 32.69
N ARG B 322 36.48 -52.81 33.90
CA ARG B 322 37.27 -53.14 35.09
C ARG B 322 37.52 -54.64 35.17
N GLU B 323 36.47 -55.43 34.93
CA GLU B 323 36.65 -56.88 35.01
C GLU B 323 37.62 -57.37 33.94
N GLN B 324 37.52 -56.82 32.73
CA GLN B 324 38.41 -57.23 31.66
C GLN B 324 39.86 -56.85 31.96
N GLY B 325 40.07 -55.63 32.47
CA GLY B 325 41.42 -55.22 32.82
C GLY B 325 42.01 -56.06 33.93
N LYS B 326 41.21 -56.35 34.96
CA LYS B 326 41.67 -57.23 36.03
C LYS B 326 42.07 -58.58 35.45
N ALA B 327 41.22 -59.15 34.59
CA ALA B 327 41.49 -60.48 34.06
C ALA B 327 42.75 -60.49 33.19
N LEU B 328 42.95 -59.44 32.40
CA LEU B 328 44.00 -59.49 31.39
C LEU B 328 45.34 -59.02 31.94
N VAL B 329 45.34 -57.98 32.77
CA VAL B 329 46.60 -57.44 33.29
C VAL B 329 47.23 -58.41 34.28
N SER B 330 46.42 -59.04 35.12
CA SER B 330 46.96 -59.91 36.16
C SER B 330 47.74 -61.06 35.55
N GLU B 331 49.04 -61.09 35.83
CA GLU B 331 49.91 -62.14 35.32
C GLU B 331 49.86 -63.38 36.19
N LYS B 336 53.46 -64.75 32.39
CA LYS B 336 52.86 -64.12 31.22
C LYS B 336 53.94 -63.68 30.24
N ASN B 337 53.72 -63.96 28.96
CA ASN B 337 54.69 -63.58 27.95
C ASN B 337 54.76 -62.06 27.84
N PRO B 338 55.96 -61.49 27.75
CA PRO B 338 56.09 -60.03 27.78
C PRO B 338 55.38 -59.30 26.66
N VAL B 339 55.31 -59.87 25.46
CA VAL B 339 54.77 -59.14 24.32
C VAL B 339 53.28 -59.41 24.12
N ASP B 340 52.82 -60.64 24.32
CA ASP B 340 51.40 -60.92 24.16
C ASP B 340 50.57 -60.15 25.20
N TYR B 341 51.15 -59.87 26.35
CA TYR B 341 50.45 -59.08 27.37
C TYR B 341 50.11 -57.69 26.84
N ILE B 342 51.12 -56.99 26.31
CA ILE B 342 50.86 -55.65 25.80
C ILE B 342 50.02 -55.74 24.54
N GLN B 343 50.14 -56.83 23.78
CA GLN B 343 49.26 -57.02 22.64
C GLN B 343 47.81 -57.07 23.09
N GLY B 344 47.54 -57.78 24.18
CA GLY B 344 46.21 -57.79 24.73
C GLY B 344 45.73 -56.42 25.17
N LEU B 345 46.61 -55.67 25.82
CA LEU B 345 46.26 -54.30 26.21
C LEU B 345 45.81 -53.51 24.99
N LEU B 346 46.64 -53.48 23.95
CA LEU B 346 46.30 -52.67 22.78
C LEU B 346 45.09 -53.21 22.04
N ASP B 347 44.92 -54.54 21.95
CA ASP B 347 43.78 -55.03 21.18
C ASP B 347 42.47 -54.76 21.91
N LEU B 348 42.46 -54.90 23.23
CA LEU B 348 41.27 -54.52 23.98
C LEU B 348 41.00 -53.03 23.85
N LYS B 349 42.05 -52.22 23.87
CA LYS B 349 41.86 -50.78 23.70
C LYS B 349 41.24 -50.48 22.34
N SER B 350 41.75 -51.13 21.29
CA SER B 350 41.21 -50.90 19.96
C SER B 350 39.75 -51.33 19.87
N ARG B 351 39.42 -52.49 20.42
CA ARG B 351 38.04 -52.96 20.38
C ARG B 351 37.12 -52.02 21.12
N PHE B 352 37.54 -51.51 22.28
CA PHE B 352 36.67 -50.64 23.05
C PHE B 352 36.54 -49.27 22.43
N ASP B 353 37.59 -48.72 21.83
CA ASP B 353 37.42 -47.45 21.15
C ASP B 353 36.64 -47.60 19.85
N ARG B 354 36.61 -48.81 19.29
CA ARG B 354 35.77 -49.04 18.13
C ARG B 354 34.32 -48.74 18.44
N PHE B 355 33.84 -49.18 19.60
CA PHE B 355 32.46 -48.91 19.98
C PHE B 355 32.18 -47.42 20.02
N LEU B 356 33.04 -46.66 20.69
CA LEU B 356 32.81 -45.23 20.79
C LEU B 356 32.98 -44.53 19.46
N LEU B 357 33.67 -45.14 18.50
CA LEU B 357 33.76 -44.45 17.22
C LEU B 357 32.59 -44.79 16.29
N GLU B 358 32.00 -45.99 16.41
CA GLU B 358 30.95 -46.37 15.47
C GLU B 358 29.62 -46.74 16.12
N SER B 359 29.60 -47.05 17.41
CA SER B 359 28.32 -47.36 18.05
C SER B 359 27.69 -46.13 18.68
N PHE B 360 28.46 -45.38 19.45
CA PHE B 360 28.00 -44.16 20.07
C PHE B 360 28.36 -42.99 19.17
N ASN B 361 28.17 -41.78 19.66
CA ASN B 361 28.57 -40.57 18.93
C ASN B 361 29.78 -39.92 19.57
N ASN B 362 30.69 -40.73 20.09
CA ASN B 362 31.85 -40.24 20.84
C ASN B 362 31.42 -39.36 22.00
N ASP B 363 30.56 -39.93 22.85
CA ASP B 363 30.06 -39.19 23.99
C ASP B 363 31.18 -38.87 24.97
N ARG B 364 31.18 -37.64 25.48
CA ARG B 364 32.26 -37.21 26.36
C ARG B 364 32.28 -38.03 27.65
N LEU B 365 31.12 -38.30 28.24
CA LEU B 365 31.08 -39.05 29.49
C LEU B 365 31.59 -40.47 29.29
N PHE B 366 31.20 -41.11 28.19
CA PHE B 366 31.68 -42.45 27.91
C PHE B 366 33.18 -42.47 27.72
N LYS B 367 33.71 -41.54 26.93
CA LYS B 367 35.15 -41.45 26.75
C LYS B 367 35.84 -41.25 28.09
N GLN B 368 35.25 -40.42 28.95
CA GLN B 368 35.85 -40.17 30.25
C GLN B 368 35.90 -41.44 31.08
N THR B 369 34.83 -42.24 31.07
CA THR B 369 34.86 -43.42 31.94
C THR B 369 35.79 -44.48 31.38
N ILE B 370 35.87 -44.64 30.05
CA ILE B 370 36.86 -45.56 29.52
C ILE B 370 38.27 -45.09 29.89
N ALA B 371 38.52 -43.79 29.78
CA ALA B 371 39.84 -43.29 30.13
C ALA B 371 40.15 -43.54 31.60
N GLY B 372 39.15 -43.34 32.47
CA GLY B 372 39.38 -43.57 33.88
C GLY B 372 39.70 -45.01 34.19
N ASP B 373 38.92 -45.93 33.62
CA ASP B 373 39.21 -47.34 33.84
C ASP B 373 40.57 -47.71 33.31
N PHE B 374 40.90 -47.27 32.09
CA PHE B 374 42.23 -47.55 31.54
C PHE B 374 43.33 -46.98 32.43
N GLU B 375 43.09 -45.83 33.05
CA GLU B 375 44.06 -45.30 34.00
C GLU B 375 44.06 -46.08 35.30
N TYR B 376 43.04 -46.90 35.53
CA TYR B 376 42.99 -47.66 36.77
C TYR B 376 43.84 -48.93 36.68
N PHE B 377 43.50 -49.84 35.77
CA PHE B 377 44.17 -51.14 35.80
C PHE B 377 45.56 -51.07 35.17
N LEU B 378 45.75 -50.20 34.18
CA LEU B 378 47.05 -50.14 33.51
C LEU B 378 48.15 -49.75 34.49
N ASN B 379 47.81 -48.89 35.45
CA ASN B 379 48.81 -48.42 36.44
C ASN B 379 48.76 -49.34 37.66
N LEU B 380 47.72 -50.17 37.76
CA LEU B 380 47.57 -51.09 38.91
C LEU B 380 48.77 -52.06 38.93
N ASN B 381 49.22 -52.50 37.76
CA ASN B 381 50.43 -53.36 37.67
C ASN B 381 51.67 -52.45 37.60
N SER B 382 52.71 -52.75 38.38
CA SER B 382 53.93 -51.93 38.39
C SER B 382 54.85 -52.32 37.23
N ARG B 383 54.60 -53.49 36.62
CA ARG B 383 55.46 -53.98 35.51
C ARG B 383 54.98 -53.37 34.18
N SER B 384 53.77 -52.83 34.15
CA SER B 384 53.23 -52.20 32.91
C SER B 384 54.30 -51.32 32.25
N PRO B 385 54.85 -50.26 32.90
CA PRO B 385 55.84 -49.40 32.26
C PRO B 385 56.97 -50.23 31.62
N GLU B 386 57.45 -51.24 32.33
CA GLU B 386 58.53 -52.12 31.79
C GLU B 386 58.05 -52.76 30.49
N TYR B 387 56.81 -53.28 30.47
CA TYR B 387 56.26 -53.94 29.25
C TYR B 387 56.11 -52.90 28.14
N LEU B 388 55.66 -51.69 28.47
CA LEU B 388 55.45 -50.63 27.45
C LEU B 388 56.79 -50.28 26.80
N SER B 389 57.87 -50.20 27.60
CA SER B 389 59.21 -49.93 27.04
C SER B 389 59.67 -51.12 26.19
N LEU B 390 59.35 -52.35 26.62
CA LEU B 390 59.73 -53.56 25.86
C LEU B 390 59.00 -53.58 24.51
N PHE B 391 57.73 -53.13 24.50
CA PHE B 391 56.94 -53.13 23.25
C PHE B 391 57.81 -52.57 22.11
N ILE B 392 58.36 -51.37 22.29
CA ILE B 392 59.20 -50.75 21.27
C ILE B 392 60.41 -51.62 20.98
N ASP B 393 61.01 -52.20 22.01
CA ASP B 393 62.18 -53.06 21.81
C ASP B 393 61.83 -54.24 20.92
N ASP B 394 60.68 -54.88 21.19
CA ASP B 394 60.19 -55.89 20.26
C ASP B 394 59.82 -55.26 18.93
N LYS B 395 59.23 -54.06 18.97
CA LYS B 395 58.89 -53.37 17.73
C LYS B 395 60.14 -53.00 16.94
N LEU B 396 61.18 -52.53 17.63
CA LEU B 396 62.39 -52.11 16.94
C LEU B 396 63.20 -53.28 16.42
N LYS B 397 62.97 -54.48 16.93
CA LYS B 397 63.70 -55.65 16.47
C LYS B 397 63.20 -56.11 15.12
N THR B 404 54.73 -52.61 7.10
CA THR B 404 55.30 -51.39 6.53
C THR B 404 55.73 -50.42 7.60
N GLU B 405 56.59 -49.47 7.23
CA GLU B 405 57.04 -48.48 8.19
C GLU B 405 55.92 -47.54 8.61
N GLN B 406 54.98 -47.24 7.69
CA GLN B 406 53.84 -46.42 8.05
C GLN B 406 52.97 -47.09 9.10
N GLU B 407 52.80 -48.41 8.99
CA GLU B 407 52.01 -49.14 9.99
C GLU B 407 52.67 -49.06 11.35
N VAL B 408 54.00 -49.15 11.40
CA VAL B 408 54.72 -49.01 12.67
C VAL B 408 54.47 -47.63 13.27
N GLU B 409 54.36 -46.61 12.42
CA GLU B 409 54.01 -45.28 12.92
C GLU B 409 52.60 -45.28 13.52
N THR B 410 51.68 -46.02 12.93
CA THR B 410 50.32 -46.09 13.46
C THR B 410 50.30 -46.73 14.85
N ILE B 411 51.04 -47.82 15.04
CA ILE B 411 51.10 -48.45 16.35
C ILE B 411 51.79 -47.54 17.36
N LEU B 412 52.61 -46.60 16.89
CA LEU B 412 53.20 -45.63 17.80
C LEU B 412 52.13 -44.70 18.37
N ASP B 413 51.17 -44.30 17.55
CA ASP B 413 50.06 -43.47 18.04
C ASP B 413 49.24 -44.22 19.07
N LYS B 414 48.90 -45.49 18.79
CA LYS B 414 48.18 -46.30 19.76
C LYS B 414 49.04 -46.56 20.99
N ALA B 415 50.34 -46.82 20.79
CA ALA B 415 51.24 -46.99 21.92
C ALA B 415 51.38 -45.71 22.73
N MET B 416 51.35 -44.56 22.06
CA MET B 416 51.47 -43.30 22.79
C MET B 416 50.21 -43.00 23.58
N VAL B 417 49.09 -43.66 23.26
CA VAL B 417 47.85 -43.43 24.00
C VAL B 417 47.98 -43.90 25.44
N LEU B 418 48.55 -45.09 25.64
CA LEU B 418 48.70 -45.58 27.01
C LEU B 418 49.63 -44.70 27.83
N PHE B 419 50.72 -44.22 27.21
CA PHE B 419 51.69 -43.41 27.95
C PHE B 419 51.01 -42.27 28.68
N ARG B 420 50.07 -41.60 28.02
CA ARG B 420 49.36 -40.50 28.67
C ARG B 420 48.56 -41.00 29.87
N PHE B 421 48.10 -42.24 29.83
CA PHE B 421 47.29 -42.78 30.90
C PHE B 421 48.12 -43.15 32.13
N MET B 422 49.35 -43.61 31.93
CA MET B 422 50.18 -44.04 33.04
C MET B 422 50.48 -42.87 33.97
N GLN B 423 50.33 -43.10 35.27
CA GLN B 423 50.81 -42.16 36.26
C GLN B 423 52.21 -42.50 36.76
N GLU B 424 52.73 -43.66 36.39
CA GLU B 424 54.07 -44.11 36.78
C GLU B 424 55.02 -44.09 35.59
N LYS B 425 54.91 -43.04 34.77
CA LYS B 425 55.77 -42.94 33.56
C LYS B 425 57.24 -42.86 33.98
N ASP B 426 57.51 -42.54 35.24
CA ASP B 426 58.92 -42.52 35.73
C ASP B 426 59.50 -43.92 35.51
N VAL B 427 58.78 -44.96 35.91
CA VAL B 427 59.25 -46.36 35.72
C VAL B 427 59.48 -46.57 34.22
N PHE B 428 58.53 -46.14 33.39
CA PHE B 428 58.63 -46.37 31.92
C PHE B 428 59.91 -45.72 31.38
N GLU B 429 60.09 -44.42 31.63
CA GLU B 429 61.26 -43.70 31.04
C GLU B 429 62.56 -44.28 31.60
N ARG B 430 62.58 -44.62 32.90
CA ARG B 430 63.79 -45.23 33.52
C ARG B 430 64.09 -46.55 32.82
N TYR B 431 63.08 -47.39 32.63
CA TYR B 431 63.28 -48.67 31.88
C TYR B 431 63.59 -48.37 30.42
N TYR B 432 62.86 -47.42 29.83
CA TYR B 432 63.09 -47.05 28.41
C TYR B 432 64.54 -46.61 28.24
N LYS B 433 65.10 -45.92 29.24
CA LYS B 433 66.52 -45.51 29.19
C LYS B 433 67.40 -46.75 29.37
N GLN B 434 67.01 -47.67 30.26
CA GLN B 434 67.77 -48.93 30.42
C GLN B 434 67.71 -49.69 29.08
N HIS B 435 66.53 -49.78 28.48
CA HIS B 435 66.39 -50.46 27.17
C HIS B 435 67.09 -49.62 26.10
N LEU B 436 67.06 -48.29 26.25
CA LEU B 436 67.75 -47.40 25.29
C LEU B 436 69.17 -47.92 25.07
N ALA B 437 69.87 -48.28 26.14
CA ALA B 437 71.22 -48.81 25.94
C ALA B 437 71.18 -50.11 25.15
N ARG B 438 70.28 -51.02 25.50
CA ARG B 438 70.23 -52.31 24.83
C ARG B 438 69.83 -52.15 23.38
N ARG B 439 68.95 -51.20 23.08
CA ARG B 439 68.53 -50.96 21.71
C ARG B 439 69.50 -50.07 20.95
N LEU B 440 70.56 -49.59 21.60
CA LEU B 440 71.54 -48.72 20.95
C LEU B 440 72.88 -49.39 20.71
N LEU B 441 73.48 -49.96 21.76
CA LEU B 441 74.88 -50.36 21.68
C LEU B 441 75.10 -51.38 20.58
N THR B 442 74.25 -52.40 20.52
CA THR B 442 74.25 -53.33 19.40
C THR B 442 73.20 -52.97 18.37
N ASN B 443 72.46 -51.88 18.59
CA ASN B 443 71.53 -51.33 17.62
C ASN B 443 70.45 -52.35 17.23
N LYS B 444 69.67 -52.74 18.24
CA LYS B 444 68.53 -53.61 18.01
C LYS B 444 67.45 -52.92 17.19
N SER B 445 67.48 -51.58 17.10
CA SER B 445 66.49 -50.85 16.33
C SER B 445 66.69 -51.09 14.84
N VAL B 446 65.58 -51.35 14.13
CA VAL B 446 65.67 -51.58 12.70
C VAL B 446 65.99 -50.29 11.95
N SER B 447 65.32 -49.20 12.31
CA SER B 447 65.50 -47.92 11.65
C SER B 447 65.98 -46.89 12.66
N ASP B 448 67.10 -46.23 12.35
CA ASP B 448 67.64 -45.22 13.27
C ASP B 448 66.84 -43.93 13.21
N ASP B 449 66.39 -43.53 12.03
CA ASP B 449 65.69 -42.26 11.88
C ASP B 449 64.40 -42.25 12.71
N SER B 450 63.71 -43.38 12.76
CA SER B 450 62.51 -43.45 13.58
C SER B 450 62.84 -43.35 15.06
N GLU B 451 64.05 -43.79 15.45
CA GLU B 451 64.43 -43.74 16.86
C GLU B 451 64.41 -42.31 17.38
N LYS B 452 64.59 -41.32 16.51
CA LYS B 452 64.34 -39.94 16.90
C LYS B 452 62.85 -39.62 16.89
N ASN B 453 62.08 -40.24 15.99
CA ASN B 453 60.66 -39.94 15.88
C ASN B 453 59.91 -40.33 17.15
N MET B 454 60.26 -41.47 17.72
CA MET B 454 59.62 -41.88 18.97
C MET B 454 59.91 -40.89 20.09
N ILE B 455 61.11 -40.28 20.08
CA ILE B 455 61.37 -39.18 21.01
C ILE B 455 60.45 -38.01 20.71
N SER B 456 60.27 -37.69 19.43
CA SER B 456 59.40 -36.57 19.06
C SER B 456 57.98 -36.82 19.52
N LYS B 457 57.49 -38.05 19.34
CA LYS B 457 56.21 -38.42 19.94
C LYS B 457 56.28 -38.34 21.45
N LEU B 458 57.37 -38.84 22.05
CA LEU B 458 57.51 -38.81 23.50
C LEU B 458 57.63 -37.39 24.02
N LYS B 459 58.27 -36.51 23.27
CA LYS B 459 58.37 -35.12 23.67
C LYS B 459 57.02 -34.42 23.57
N CYS B 464 62.33 -31.79 28.58
CA CYS B 464 63.68 -32.00 28.08
C CYS B 464 64.32 -33.23 28.70
N GLN B 465 64.30 -33.29 30.03
CA GLN B 465 64.90 -34.42 30.75
C GLN B 465 64.24 -35.75 30.37
N PHE B 466 62.98 -35.72 29.95
CA PHE B 466 62.34 -36.90 29.38
C PHE B 466 62.97 -37.30 28.07
N THR B 467 63.66 -36.38 27.40
CA THR B 467 64.21 -36.57 26.07
C THR B 467 65.73 -36.58 26.03
N SER B 468 66.38 -35.63 26.72
CA SER B 468 67.83 -35.51 26.65
C SER B 468 68.53 -36.74 27.21
N LYS B 469 68.05 -37.25 28.34
CA LYS B 469 68.62 -38.47 28.90
C LYS B 469 68.40 -39.66 27.97
N LEU B 470 67.27 -39.68 27.26
CA LEU B 470 67.09 -40.65 26.18
C LEU B 470 67.87 -40.28 24.93
N GLU B 471 68.30 -39.02 24.81
CA GLU B 471 69.08 -38.59 23.66
C GLU B 471 70.57 -38.52 23.93
N GLY B 472 70.98 -38.33 25.18
CA GLY B 472 72.40 -38.22 25.49
C GLY B 472 73.17 -39.46 25.09
N MET B 473 72.60 -40.65 25.33
CA MET B 473 73.28 -41.88 24.95
C MET B 473 73.25 -42.10 23.43
N PHE B 474 72.10 -41.87 22.79
CA PHE B 474 72.00 -42.11 21.36
C PHE B 474 72.83 -41.09 20.57
N ARG B 475 72.65 -39.81 20.86
CA ARG B 475 73.39 -38.80 20.11
C ARG B 475 74.89 -38.93 20.28
N ASP B 476 75.34 -39.57 21.37
CA ASP B 476 76.76 -39.87 21.50
C ASP B 476 77.21 -40.86 20.44
N MET B 477 76.37 -41.86 20.13
CA MET B 477 76.69 -42.77 19.04
C MET B 477 76.66 -42.08 17.69
N SER B 478 75.89 -41.01 17.57
CA SER B 478 76.00 -40.16 16.39
C SER B 478 77.30 -39.36 16.39
N ILE B 479 77.80 -38.97 17.57
CA ILE B 479 79.03 -38.18 17.64
C ILE B 479 80.25 -39.02 17.27
N SER B 480 80.33 -40.26 17.78
CA SER B 480 81.49 -41.11 17.53
C SER B 480 81.46 -41.78 16.17
N ASN B 481 80.42 -41.55 15.37
CA ASN B 481 80.31 -42.14 14.04
C ASN B 481 81.03 -41.35 12.97
N THR B 482 81.65 -40.23 13.31
CA THR B 482 82.34 -39.40 12.32
C THR B 482 83.81 -39.78 12.21
N ASN C 50 -10.53 22.86 1.22
CA ASN C 50 -10.38 22.10 2.46
C ASN C 50 -9.13 21.24 2.43
N ASN C 51 -8.97 20.38 3.43
CA ASN C 51 -7.83 19.49 3.54
C ASN C 51 -8.32 18.05 3.40
N THR C 52 -7.71 17.31 2.47
CA THR C 52 -8.05 15.91 2.25
C THR C 52 -7.05 15.02 2.97
N TYR C 53 -7.56 14.02 3.67
CA TYR C 53 -6.74 13.12 4.47
C TYR C 53 -6.53 11.82 3.70
N ARG C 54 -5.26 11.44 3.53
CA ARG C 54 -4.88 10.25 2.77
C ARG C 54 -4.23 9.25 3.71
N SER C 55 -4.73 8.01 3.69
CA SER C 55 -4.23 6.95 4.56
C SER C 55 -3.41 5.97 3.74
N ALA C 56 -2.25 5.59 4.27
CA ALA C 56 -1.38 4.65 3.59
C ALA C 56 -1.65 3.21 3.96
N GLN C 57 -2.04 2.95 5.20
CA GLN C 57 -2.28 1.58 5.64
C GLN C 57 -3.53 0.99 5.01
N HIS C 58 -4.38 1.82 4.41
CA HIS C 58 -5.65 1.32 3.90
C HIS C 58 -5.46 0.35 2.76
N SER C 59 -4.50 0.60 1.87
CA SER C 59 -4.30 -0.28 0.73
C SER C 59 -3.86 -1.66 1.17
N GLN C 60 -2.88 -1.72 2.07
CA GLN C 60 -2.42 -3.01 2.58
C GLN C 60 -3.53 -3.71 3.35
N ALA C 61 -4.32 -2.95 4.13
CA ALA C 61 -5.44 -3.55 4.84
C ALA C 61 -6.45 -4.14 3.87
N LEU C 62 -6.70 -3.44 2.77
CA LEU C 62 -7.65 -3.94 1.78
C LEU C 62 -7.15 -5.21 1.13
N LEU C 63 -5.86 -5.26 0.80
CA LEU C 63 -5.32 -6.49 0.23
C LEU C 63 -5.39 -7.63 1.22
N ARG C 64 -5.12 -7.36 2.51
CA ARG C 64 -5.22 -8.40 3.52
C ARG C 64 -6.65 -8.91 3.62
N GLY C 65 -7.62 -8.01 3.60
CA GLY C 65 -9.01 -8.42 3.65
C GLY C 65 -9.41 -9.23 2.42
N LEU C 66 -8.87 -8.87 1.26
CA LEU C 66 -9.14 -9.62 0.05
C LEU C 66 -8.56 -11.03 0.14
N LEU C 67 -7.35 -11.15 0.69
CA LEU C 67 -6.77 -12.47 0.92
C LEU C 67 -7.64 -13.28 1.87
N ALA C 68 -8.13 -12.64 2.94
CA ALA C 68 -8.98 -13.35 3.87
C ALA C 68 -10.26 -13.82 3.20
N LEU C 69 -10.84 -12.99 2.35
CA LEU C 69 -12.04 -13.39 1.62
C LEU C 69 -11.76 -14.57 0.69
N ARG C 70 -10.62 -14.54 0.00
CA ARG C 70 -10.27 -15.65 -0.87
C ARG C 70 -10.08 -16.93 -0.08
N ASP C 71 -9.40 -16.84 1.07
CA ASP C 71 -9.18 -18.01 1.90
C ASP C 71 -10.50 -18.58 2.40
N SER C 72 -11.42 -17.70 2.79
CA SER C 72 -12.76 -18.17 3.15
C SER C 72 -13.48 -18.78 1.96
N GLY C 73 -13.01 -18.51 0.74
CA GLY C 73 -13.61 -19.08 -0.44
C GLY C 73 -15.03 -18.63 -0.70
N ILE C 74 -15.31 -17.35 -0.53
CA ILE C 74 -16.64 -16.81 -0.73
C ILE C 74 -16.57 -15.67 -1.75
N LEU C 75 -17.66 -15.49 -2.49
CA LEU C 75 -17.79 -14.42 -3.47
C LEU C 75 -16.78 -14.57 -4.61
N PHE C 76 -16.62 -15.80 -5.10
CA PHE C 76 -15.80 -16.06 -6.28
C PHE C 76 -16.66 -15.96 -7.53
N ASP C 77 -16.08 -15.41 -8.59
CA ASP C 77 -16.86 -15.21 -9.81
C ASP C 77 -16.22 -15.77 -11.06
N VAL C 78 -14.89 -15.73 -11.22
CA VAL C 78 -14.27 -16.22 -12.44
C VAL C 78 -13.48 -17.48 -12.10
N VAL C 79 -13.52 -18.45 -13.00
CA VAL C 79 -12.78 -19.70 -12.84
C VAL C 79 -11.97 -19.96 -14.10
N LEU C 80 -10.69 -20.25 -13.92
CA LEU C 80 -9.74 -20.40 -15.00
C LEU C 80 -9.37 -21.86 -15.14
N VAL C 81 -9.42 -22.37 -16.36
CA VAL C 81 -8.95 -23.71 -16.67
C VAL C 81 -7.59 -23.56 -17.36
N VAL C 82 -6.53 -23.84 -16.62
CA VAL C 82 -5.17 -23.62 -17.11
C VAL C 82 -4.75 -24.77 -18.01
N GLU C 83 -4.68 -25.98 -17.43
CA GLU C 83 -4.32 -27.18 -18.16
C GLU C 83 -5.22 -28.33 -17.74
N GLY C 84 -6.52 -28.07 -17.66
CA GLY C 84 -7.46 -29.00 -17.09
C GLY C 84 -7.64 -28.86 -15.61
N ARG C 85 -6.89 -27.98 -14.95
CA ARG C 85 -7.02 -27.73 -13.52
C ARG C 85 -7.73 -26.41 -13.31
N HIS C 86 -8.75 -26.43 -12.45
CA HIS C 86 -9.56 -25.25 -12.18
C HIS C 86 -8.95 -24.44 -11.05
N ILE C 87 -8.74 -23.15 -11.29
CA ILE C 87 -8.33 -22.20 -10.27
C ILE C 87 -9.35 -21.07 -10.24
N GLU C 88 -9.91 -20.79 -9.07
CA GLU C 88 -10.97 -19.82 -8.93
C GLU C 88 -10.42 -18.50 -8.41
N ALA C 89 -10.93 -17.39 -8.93
CA ALA C 89 -10.42 -16.07 -8.58
C ALA C 89 -11.51 -15.03 -8.74
N HIS C 90 -11.26 -13.87 -8.14
CA HIS C 90 -12.16 -12.74 -8.23
C HIS C 90 -11.94 -12.02 -9.56
N ARG C 91 -13.04 -11.71 -10.25
CA ARG C 91 -12.94 -11.12 -11.58
C ARG C 91 -12.35 -9.72 -11.51
N ILE C 92 -12.94 -8.84 -10.71
CA ILE C 92 -12.45 -7.47 -10.64
C ILE C 92 -11.09 -7.37 -9.98
N LEU C 93 -10.81 -8.21 -8.99
CA LEU C 93 -9.46 -8.27 -8.45
C LEU C 93 -8.46 -8.68 -9.51
N LEU C 94 -8.83 -9.65 -10.34
CA LEU C 94 -8.01 -10.09 -11.47
C LEU C 94 -8.28 -9.28 -12.71
N ALA C 95 -8.75 -8.05 -12.57
CA ALA C 95 -9.00 -7.16 -13.70
C ALA C 95 -8.16 -5.90 -13.67
N ALA C 96 -7.65 -5.52 -12.51
CA ALA C 96 -6.79 -4.35 -12.40
C ALA C 96 -5.37 -4.70 -12.02
N SER C 97 -5.05 -5.98 -11.88
CA SER C 97 -3.68 -6.37 -11.57
C SER C 97 -2.77 -6.16 -12.77
N CYS C 98 -3.19 -6.60 -13.94
CA CYS C 98 -2.36 -6.56 -15.14
C CYS C 98 -3.19 -6.09 -16.32
N ASP C 99 -2.49 -5.57 -17.33
CA ASP C 99 -3.16 -5.09 -18.53
C ASP C 99 -3.78 -6.23 -19.33
N TYR C 100 -3.13 -7.40 -19.32
CA TYR C 100 -3.66 -8.58 -20.04
C TYR C 100 -5.05 -8.92 -19.47
N PHE C 101 -5.15 -9.07 -18.16
CA PHE C 101 -6.42 -9.40 -17.53
C PHE C 101 -7.41 -8.25 -17.67
N ARG C 102 -6.92 -7.01 -17.71
CA ARG C 102 -7.81 -5.87 -17.95
C ARG C 102 -8.47 -5.99 -19.31
N GLY C 103 -7.70 -6.35 -20.33
CA GLY C 103 -8.28 -6.56 -21.64
C GLY C 103 -9.14 -7.80 -21.73
N MET C 104 -8.88 -8.76 -20.84
CA MET C 104 -9.66 -10.02 -20.88
C MET C 104 -11.03 -9.79 -20.26
N PHE C 105 -11.09 -9.35 -19.00
CA PHE C 105 -12.35 -9.23 -18.27
C PHE C 105 -13.12 -7.98 -18.68
N ALA C 106 -12.42 -6.85 -18.83
CA ALA C 106 -13.08 -5.57 -19.07
C ALA C 106 -12.90 -5.05 -20.48
N GLY C 107 -12.25 -5.81 -21.36
CA GLY C 107 -12.04 -5.35 -22.71
C GLY C 107 -13.33 -5.24 -23.50
N GLY C 108 -14.22 -6.21 -23.34
CA GLY C 108 -15.46 -6.24 -24.07
C GLY C 108 -15.57 -7.37 -25.09
N LEU C 109 -14.63 -8.28 -25.11
CA LEU C 109 -14.65 -9.39 -26.06
C LEU C 109 -15.61 -10.46 -25.57
N LYS C 110 -15.59 -11.63 -26.23
CA LYS C 110 -16.50 -12.71 -25.87
C LYS C 110 -16.21 -13.24 -24.47
N GLU C 111 -14.99 -13.06 -24.00
CA GLU C 111 -14.58 -13.67 -22.74
C GLU C 111 -15.35 -13.12 -21.55
N MET C 112 -15.98 -11.95 -21.68
CA MET C 112 -16.71 -11.34 -20.57
C MET C 112 -17.78 -12.28 -20.01
N GLU C 113 -18.77 -12.60 -20.83
CA GLU C 113 -19.91 -13.39 -20.36
C GLU C 113 -19.58 -14.89 -20.41
N GLN C 114 -18.55 -15.27 -19.66
CA GLN C 114 -18.13 -16.66 -19.56
C GLN C 114 -17.64 -16.92 -18.15
N GLU C 115 -18.29 -17.87 -17.46
CA GLU C 115 -17.87 -18.20 -16.11
C GLU C 115 -16.51 -18.90 -16.13
N GLU C 116 -16.35 -19.90 -16.98
CA GLU C 116 -15.09 -20.63 -17.11
C GLU C 116 -14.32 -20.08 -18.30
N VAL C 117 -13.05 -19.78 -18.08
CA VAL C 117 -12.19 -19.19 -19.11
C VAL C 117 -10.98 -20.09 -19.31
N LEU C 118 -10.70 -20.42 -20.58
CA LEU C 118 -9.51 -21.26 -20.90
C LEU C 118 -8.30 -20.36 -21.09
N ILE C 119 -7.28 -20.49 -20.24
CA ILE C 119 -6.04 -19.68 -20.38
C ILE C 119 -4.86 -20.62 -20.69
N HIS C 120 -4.12 -20.34 -21.76
CA HIS C 120 -2.97 -21.19 -22.15
C HIS C 120 -1.68 -20.40 -21.97
N GLY C 121 -0.55 -20.99 -22.37
CA GLY C 121 0.75 -20.27 -22.27
C GLY C 121 1.22 -20.13 -20.84
N VAL C 122 0.59 -20.85 -19.91
CA VAL C 122 0.96 -20.75 -18.46
C VAL C 122 0.86 -22.15 -17.83
N SER C 123 1.72 -22.43 -16.84
CA SER C 123 1.64 -23.72 -16.12
C SER C 123 0.79 -23.54 -14.86
N TYR C 124 0.14 -24.59 -14.37
CA TYR C 124 -0.74 -24.43 -13.22
C TYR C 124 0.01 -23.88 -12.02
N ASN C 125 1.24 -24.34 -11.80
CA ASN C 125 2.04 -23.79 -10.72
C ASN C 125 2.32 -22.31 -10.95
N ALA C 126 2.64 -21.94 -12.19
CA ALA C 126 2.87 -20.53 -12.49
C ALA C 126 1.62 -19.71 -12.29
N MET C 127 0.47 -20.23 -12.70
CA MET C 127 -0.79 -19.52 -12.55
C MET C 127 -1.09 -19.30 -11.07
N CYS C 128 -0.89 -20.34 -10.25
CA CYS C 128 -1.11 -20.20 -8.83
C CYS C 128 -0.15 -19.19 -8.20
N GLN C 129 1.11 -19.21 -8.64
CA GLN C 129 2.09 -18.28 -8.08
C GLN C 129 1.73 -16.85 -8.42
N ILE C 130 1.33 -16.58 -9.67
CA ILE C 130 1.01 -15.22 -10.06
C ILE C 130 -0.28 -14.75 -9.39
N LEU C 131 -1.26 -15.65 -9.23
CA LEU C 131 -2.44 -15.30 -8.45
C LEU C 131 -2.09 -14.97 -7.02
N HIS C 132 -1.18 -15.74 -6.42
CA HIS C 132 -0.75 -15.45 -5.06
C HIS C 132 -0.09 -14.08 -4.99
N PHE C 133 0.73 -13.74 -5.97
CA PHE C 133 1.34 -12.41 -5.99
C PHE C 133 0.28 -11.34 -6.05
N ILE C 134 -0.71 -11.50 -6.93
CA ILE C 134 -1.74 -10.48 -7.09
C ILE C 134 -2.51 -10.33 -5.79
N TYR C 135 -2.73 -11.42 -5.07
CA TYR C 135 -3.57 -11.35 -3.89
C TYR C 135 -2.81 -10.86 -2.66
N THR C 136 -1.50 -11.10 -2.55
CA THR C 136 -0.81 -10.64 -1.35
C THR C 136 0.55 -10.00 -1.61
N SER C 137 0.87 -9.67 -2.86
CA SER C 137 2.07 -8.90 -3.20
C SER C 137 3.35 -9.60 -2.76
N GLU C 138 3.28 -10.90 -2.49
CA GLU C 138 4.45 -11.68 -2.10
C GLU C 138 4.67 -12.80 -3.11
N LEU C 139 5.88 -12.91 -3.62
CA LEU C 139 6.23 -13.90 -4.64
C LEU C 139 7.25 -14.86 -4.06
N GLU C 140 6.86 -16.11 -3.88
CA GLU C 140 7.75 -17.16 -3.42
C GLU C 140 8.40 -17.80 -4.64
N LEU C 141 9.69 -17.53 -4.84
CA LEU C 141 10.41 -18.01 -6.00
C LEU C 141 11.42 -19.07 -5.57
N SER C 142 11.32 -20.25 -6.17
CA SER C 142 12.22 -21.36 -5.93
C SER C 142 12.77 -21.85 -7.27
N LEU C 143 13.60 -22.89 -7.22
CA LEU C 143 14.18 -23.43 -8.44
C LEU C 143 13.10 -24.00 -9.36
N SER C 144 12.14 -24.72 -8.80
CA SER C 144 11.12 -25.37 -9.62
C SER C 144 10.24 -24.34 -10.33
N ASN C 145 9.84 -23.29 -9.64
CA ASN C 145 8.90 -22.32 -10.19
C ASN C 145 9.61 -21.18 -10.92
N VAL C 146 10.52 -21.54 -11.82
CA VAL C 146 11.22 -20.58 -12.67
C VAL C 146 11.29 -21.18 -14.06
N GLN C 147 11.30 -20.33 -15.09
CA GLN C 147 11.22 -20.71 -16.49
C GLN C 147 9.81 -21.21 -16.80
N GLU C 148 8.99 -21.33 -15.77
CA GLU C 148 7.55 -21.44 -15.87
C GLU C 148 6.86 -20.20 -15.36
N THR C 149 7.41 -19.59 -14.31
CA THR C 149 6.91 -18.30 -13.85
C THR C 149 7.40 -17.18 -14.76
N LEU C 150 8.59 -17.34 -15.34
CA LEU C 150 9.13 -16.30 -16.25
C LEU C 150 8.17 -16.13 -17.43
N VAL C 151 7.81 -17.23 -18.11
CA VAL C 151 6.89 -17.15 -19.28
C VAL C 151 5.52 -16.64 -18.81
N ALA C 152 5.08 -17.09 -17.63
CA ALA C 152 3.77 -16.65 -17.09
C ALA C 152 3.79 -15.12 -16.88
N ALA C 153 4.90 -14.60 -16.36
CA ALA C 153 5.02 -13.13 -16.15
C ALA C 153 4.92 -12.42 -17.51
N CYS C 154 5.58 -12.97 -18.54
CA CYS C 154 5.50 -12.37 -19.90
C CYS C 154 4.07 -12.49 -20.44
N GLN C 155 3.39 -13.60 -20.14
CA GLN C 155 2.00 -13.81 -20.60
C GLN C 155 1.12 -12.67 -20.08
N LEU C 156 1.25 -12.35 -18.78
CA LEU C 156 0.41 -11.30 -18.16
C LEU C 156 1.10 -9.94 -18.30
N GLN C 157 2.36 -9.94 -18.76
CA GLN C 157 3.12 -8.67 -18.95
C GLN C 157 3.09 -7.85 -17.65
N ILE C 158 3.28 -8.52 -16.50
CA ILE C 158 3.35 -7.79 -15.20
C ILE C 158 4.81 -7.42 -14.92
N PRO C 159 5.20 -6.13 -14.97
CA PRO C 159 6.61 -5.76 -14.79
C PRO C 159 7.21 -6.22 -13.48
N GLU C 160 6.43 -6.26 -12.40
CA GLU C 160 6.98 -6.62 -11.10
C GLU C 160 7.48 -8.06 -11.12
N ILE C 161 6.71 -8.97 -11.70
CA ILE C 161 7.12 -10.37 -11.74
C ILE C 161 8.32 -10.55 -12.67
N ILE C 162 8.35 -9.79 -13.77
CA ILE C 162 9.52 -9.84 -14.66
C ILE C 162 10.77 -9.44 -13.89
N HIS C 163 10.69 -8.35 -13.13
CA HIS C 163 11.84 -7.91 -12.36
C HIS C 163 12.23 -8.94 -11.31
N PHE C 164 11.25 -9.55 -10.66
CA PHE C 164 11.56 -10.55 -9.63
C PHE C 164 12.23 -11.77 -10.24
N CYS C 165 11.74 -12.24 -11.39
CA CYS C 165 12.37 -13.36 -12.06
C CYS C 165 13.77 -13.00 -12.53
N CYS C 166 13.96 -11.76 -13.00
CA CYS C 166 15.29 -11.32 -13.38
C CYS C 166 16.24 -11.35 -12.18
N ASP C 167 15.76 -10.93 -11.01
CA ASP C 167 16.60 -10.97 -9.81
C ASP C 167 16.92 -12.41 -9.41
N PHE C 168 15.94 -13.31 -9.52
CA PHE C 168 16.20 -14.70 -9.17
C PHE C 168 17.23 -15.31 -10.11
N LEU C 169 17.14 -15.00 -11.41
CA LEU C 169 18.18 -15.45 -12.33
C LEU C 169 19.51 -14.74 -12.09
N MET C 170 19.46 -13.52 -11.54
CA MET C 170 20.69 -12.84 -11.12
C MET C 170 21.41 -13.65 -10.08
N SER C 171 20.67 -14.10 -9.05
CA SER C 171 21.30 -14.84 -7.96
C SER C 171 21.87 -16.17 -8.44
N TRP C 172 21.09 -16.93 -9.20
CA TRP C 172 21.51 -18.23 -9.71
C TRP C 172 21.68 -18.13 -11.22
N VAL C 173 22.92 -17.95 -11.67
CA VAL C 173 23.17 -17.73 -13.07
C VAL C 173 24.33 -18.61 -13.53
N GLU C 175 28.23 -19.53 -14.32
CA GLU C 175 29.17 -19.70 -15.42
C GLU C 175 29.13 -21.12 -15.97
N GLU C 176 27.99 -21.79 -15.76
CA GLU C 176 27.80 -23.17 -16.20
C GLU C 176 26.68 -23.34 -17.20
N ASN C 177 25.63 -22.51 -17.13
CA ASN C 177 24.48 -22.57 -18.01
C ASN C 177 24.12 -21.17 -18.50
N ILE C 178 25.12 -20.44 -18.98
CA ILE C 178 24.87 -19.07 -19.44
C ILE C 178 24.32 -19.08 -20.86
N LEU C 179 24.62 -20.09 -21.66
CA LEU C 179 24.19 -20.09 -23.06
C LEU C 179 22.67 -20.19 -23.15
N ASP C 180 22.08 -21.11 -22.42
CA ASP C 180 20.63 -21.27 -22.47
C ASP C 180 19.91 -20.08 -21.83
N VAL C 181 20.47 -19.50 -20.78
CA VAL C 181 19.89 -18.28 -20.21
C VAL C 181 19.92 -17.15 -21.22
N TYR C 182 21.04 -17.00 -21.94
CA TYR C 182 21.13 -15.97 -22.96
C TYR C 182 20.11 -16.22 -24.06
N ARG C 183 19.93 -17.47 -24.46
CA ARG C 183 18.93 -17.80 -25.47
C ARG C 183 17.54 -17.41 -24.98
N LEU C 184 17.22 -17.74 -23.73
CA LEU C 184 15.90 -17.42 -23.18
C LEU C 184 15.69 -15.91 -23.12
N ALA C 185 16.70 -15.18 -22.66
CA ALA C 185 16.58 -13.73 -22.56
C ALA C 185 16.39 -13.09 -23.93
N GLU C 186 17.13 -13.59 -24.93
CA GLU C 186 16.96 -13.06 -26.29
C GLU C 186 15.57 -13.41 -26.82
N LEU C 187 15.06 -14.58 -26.47
CA LEU C 187 13.74 -14.99 -26.95
C LEU C 187 12.65 -14.12 -26.37
N PHE C 188 12.68 -13.91 -25.05
CA PHE C 188 11.65 -13.10 -24.41
C PHE C 188 11.97 -11.61 -24.41
N ASP C 189 13.17 -11.23 -24.81
CA ASP C 189 13.55 -9.83 -25.05
C ASP C 189 13.40 -8.98 -23.78
N LEU C 190 14.24 -9.28 -22.79
CA LEU C 190 14.35 -8.46 -21.59
C LEU C 190 15.68 -7.71 -21.63
N SER C 191 15.61 -6.39 -21.74
CA SER C 191 16.82 -5.58 -21.81
C SER C 191 17.63 -5.69 -20.52
N ARG C 192 16.95 -5.66 -19.37
CA ARG C 192 17.66 -5.71 -18.09
C ARG C 192 18.42 -7.01 -17.93
N LEU C 193 17.78 -8.13 -18.24
CA LEU C 193 18.46 -9.41 -18.12
C LEU C 193 19.65 -9.48 -19.07
N THR C 194 19.49 -8.96 -20.28
CA THR C 194 20.60 -8.98 -21.24
C THR C 194 21.78 -8.17 -20.75
N GLU C 195 21.54 -6.97 -20.21
CA GLU C 195 22.68 -6.16 -19.82
C GLU C 195 23.31 -6.71 -18.55
N GLN C 196 22.51 -7.32 -17.67
CA GLN C 196 23.08 -7.99 -16.51
C GLN C 196 23.95 -9.18 -16.94
N LEU C 197 23.48 -9.94 -17.93
CA LEU C 197 24.28 -11.06 -18.41
C LEU C 197 25.56 -10.58 -19.06
N ASP C 198 25.51 -9.48 -19.79
CA ASP C 198 26.72 -8.90 -20.37
C ASP C 198 27.69 -8.47 -19.27
N THR C 199 27.18 -7.84 -18.21
CA THR C 199 28.04 -7.46 -17.10
C THR C 199 28.65 -8.68 -16.43
N TYR C 200 27.88 -9.75 -16.28
CA TYR C 200 28.40 -10.98 -15.67
C TYR C 200 29.47 -11.61 -16.53
N ILE C 201 29.28 -11.61 -17.85
CA ILE C 201 30.32 -12.11 -18.75
C ILE C 201 31.58 -11.25 -18.63
N LEU C 202 31.41 -9.94 -18.50
CA LEU C 202 32.55 -9.06 -18.31
C LEU C 202 33.28 -9.38 -17.00
N LYS C 203 32.53 -9.63 -15.93
CA LYS C 203 33.15 -10.00 -14.66
C LYS C 203 33.86 -11.34 -14.73
N ASN C 204 33.45 -12.21 -15.66
CA ASN C 204 34.09 -13.50 -15.83
C ASN C 204 35.51 -13.34 -16.37
N ASN D 50 13.58 -20.71 0.46
CA ASN D 50 13.95 -19.72 -0.52
C ASN D 50 13.69 -18.31 -0.01
N ASN D 51 13.89 -17.32 -0.87
CA ASN D 51 13.70 -15.91 -0.51
C ASN D 51 12.50 -15.38 -1.29
N THR D 52 11.40 -15.14 -0.58
CA THR D 52 10.21 -14.58 -1.20
C THR D 52 10.37 -13.08 -1.38
N TYR D 53 9.87 -12.57 -2.51
CA TYR D 53 9.99 -11.15 -2.83
C TYR D 53 8.65 -10.46 -2.62
N ARG D 54 8.66 -9.39 -1.82
CA ARG D 54 7.47 -8.64 -1.49
C ARG D 54 7.60 -7.23 -2.05
N SER D 55 6.61 -6.81 -2.82
CA SER D 55 6.60 -5.49 -3.45
C SER D 55 5.62 -4.59 -2.72
N ALA D 56 6.07 -3.38 -2.39
CA ALA D 56 5.22 -2.44 -1.68
C ALA D 56 4.32 -1.63 -2.61
N GLN D 57 4.81 -1.27 -3.79
CA GLN D 57 4.04 -0.44 -4.71
C GLN D 57 2.85 -1.17 -5.31
N HIS D 58 2.80 -2.50 -5.19
CA HIS D 58 1.73 -3.25 -5.85
C HIS D 58 0.36 -2.92 -5.29
N SER D 59 0.27 -2.69 -3.98
CA SER D 59 -1.04 -2.42 -3.38
C SER D 59 -1.62 -1.12 -3.91
N GLN D 60 -0.82 -0.06 -3.91
CA GLN D 60 -1.31 1.21 -4.42
C GLN D 60 -1.53 1.15 -5.93
N ALA D 61 -0.71 0.34 -6.63
CA ALA D 61 -0.96 0.16 -8.06
C ALA D 61 -2.31 -0.48 -8.30
N LEU D 62 -2.65 -1.48 -7.49
CA LEU D 62 -3.95 -2.13 -7.60
C LEU D 62 -5.07 -1.16 -7.28
N LEU D 63 -4.86 -0.30 -6.29
CA LEU D 63 -5.88 0.69 -5.96
C LEU D 63 -6.11 1.65 -7.12
N ARG D 64 -5.04 2.15 -7.72
CA ARG D 64 -5.23 3.03 -8.88
C ARG D 64 -5.89 2.29 -10.03
N GLY D 65 -5.54 1.02 -10.22
CA GLY D 65 -6.18 0.24 -11.26
C GLY D 65 -7.68 0.11 -11.02
N LEU D 66 -8.06 -0.12 -9.76
CA LEU D 66 -9.49 -0.21 -9.44
C LEU D 66 -10.18 1.12 -9.66
N LEU D 67 -9.50 2.22 -9.32
CA LEU D 67 -10.06 3.53 -9.57
C LEU D 67 -10.30 3.76 -11.06
N ALA D 68 -9.33 3.38 -11.89
CA ALA D 68 -9.48 3.51 -13.33
C ALA D 68 -10.63 2.65 -13.83
N LEU D 69 -10.76 1.44 -13.28
CA LEU D 69 -11.85 0.57 -13.68
C LEU D 69 -13.20 1.18 -13.33
N ARG D 70 -13.30 1.77 -12.14
CA ARG D 70 -14.56 2.41 -11.74
C ARG D 70 -14.87 3.60 -12.63
N ASP D 71 -13.85 4.41 -12.92
CA ASP D 71 -14.07 5.58 -13.78
C ASP D 71 -14.53 5.16 -15.16
N SER D 72 -13.95 4.09 -15.72
CA SER D 72 -14.44 3.56 -16.97
C SER D 72 -15.86 3.03 -16.83
N GLY D 73 -16.30 2.73 -15.61
CA GLY D 73 -17.66 2.27 -15.38
C GLY D 73 -17.98 0.93 -16.01
N ILE D 74 -17.09 -0.03 -15.90
CA ILE D 74 -17.29 -1.36 -16.46
C ILE D 74 -16.97 -2.37 -15.36
N LEU D 75 -17.71 -3.49 -15.38
CA LEU D 75 -17.59 -4.57 -14.40
C LEU D 75 -18.14 -4.14 -13.03
N PHE D 76 -19.26 -3.43 -13.06
CA PHE D 76 -19.99 -3.10 -11.85
C PHE D 76 -20.98 -4.22 -11.54
N ASP D 77 -21.11 -4.55 -10.27
CA ASP D 77 -21.99 -5.67 -9.90
C ASP D 77 -23.02 -5.33 -8.84
N VAL D 78 -22.73 -4.46 -7.88
CA VAL D 78 -23.70 -4.15 -6.84
C VAL D 78 -24.14 -2.69 -7.01
N VAL D 79 -25.42 -2.44 -6.79
CA VAL D 79 -25.98 -1.10 -6.85
C VAL D 79 -26.74 -0.83 -5.57
N LEU D 80 -26.43 0.28 -4.93
CA LEU D 80 -26.98 0.64 -3.63
C LEU D 80 -27.96 1.79 -3.82
N VAL D 81 -29.13 1.67 -3.21
CA VAL D 81 -30.08 2.77 -3.13
C VAL D 81 -29.97 3.33 -1.73
N VAL D 82 -29.54 4.58 -1.62
CA VAL D 82 -29.30 5.21 -0.33
C VAL D 82 -30.57 5.92 0.12
N GLU D 83 -30.99 6.91 -0.65
CA GLU D 83 -32.21 7.66 -0.37
C GLU D 83 -32.99 7.87 -1.66
N GLY D 84 -33.14 6.81 -2.45
CA GLY D 84 -33.69 6.91 -3.77
C GLY D 84 -32.68 7.22 -4.85
N ARG D 85 -31.43 7.44 -4.48
CA ARG D 85 -30.36 7.71 -5.43
C ARG D 85 -29.50 6.46 -5.59
N HIS D 86 -29.29 6.04 -6.83
CA HIS D 86 -28.52 4.85 -7.12
C HIS D 86 -27.04 5.18 -7.18
N ILE D 87 -26.23 4.40 -6.47
CA ILE D 87 -24.77 4.48 -6.54
C ILE D 87 -24.25 3.08 -6.81
N GLU D 88 -23.44 2.93 -7.85
CA GLU D 88 -22.96 1.63 -8.27
C GLU D 88 -21.54 1.40 -7.76
N ALA D 89 -21.25 0.15 -7.37
CA ALA D 89 -19.96 -0.19 -6.80
C ALA D 89 -19.65 -1.65 -7.04
N HIS D 90 -18.37 -1.98 -6.85
CA HIS D 90 -17.88 -3.34 -7.00
C HIS D 90 -18.17 -4.12 -5.72
N ARG D 91 -18.72 -5.32 -5.88
CA ARG D 91 -19.14 -6.09 -4.71
C ARG D 91 -17.95 -6.55 -3.89
N ILE D 92 -16.96 -7.17 -4.53
CA ILE D 92 -15.80 -7.68 -3.80
C ILE D 92 -14.95 -6.54 -3.25
N LEU D 93 -14.79 -5.46 -4.00
CA LEU D 93 -14.10 -4.31 -3.45
C LEU D 93 -14.83 -3.74 -2.25
N LEU D 94 -16.16 -3.71 -2.31
CA LEU D 94 -16.98 -3.27 -1.19
C LEU D 94 -17.32 -4.40 -0.26
N ALA D 95 -16.46 -5.43 -0.19
CA ALA D 95 -16.62 -6.51 0.76
C ALA D 95 -15.41 -6.69 1.67
N ALA D 96 -14.24 -6.21 1.26
CA ALA D 96 -13.04 -6.27 2.09
C ALA D 96 -12.70 -4.93 2.70
N SER D 97 -13.45 -3.88 2.38
CA SER D 97 -13.13 -2.56 2.93
C SER D 97 -13.49 -2.47 4.41
N CYS D 98 -14.68 -2.93 4.78
CA CYS D 98 -15.17 -2.79 6.13
C CYS D 98 -15.85 -4.08 6.57
N ASP D 99 -15.97 -4.25 7.89
CA ASP D 99 -16.62 -5.47 8.45
C ASP D 99 -18.11 -5.46 8.12
N TYR D 100 -18.75 -4.28 8.16
CA TYR D 100 -20.20 -4.19 7.89
C TYR D 100 -20.49 -4.76 6.49
N PHE D 101 -19.75 -4.28 5.49
CA PHE D 101 -19.96 -4.75 4.09
C PHE D 101 -19.50 -6.20 3.99
N ARG D 102 -18.49 -6.60 4.77
CA ARG D 102 -18.10 -8.00 4.77
C ARG D 102 -19.25 -8.88 5.21
N GLY D 103 -19.93 -8.47 6.29
CA GLY D 103 -21.09 -9.24 6.78
C GLY D 103 -22.30 -9.02 5.90
N MET D 104 -22.16 -8.21 4.86
CA MET D 104 -23.29 -7.90 3.96
C MET D 104 -23.09 -8.66 2.65
N PHE D 105 -21.95 -8.48 1.99
CA PHE D 105 -21.73 -9.11 0.65
C PHE D 105 -21.20 -10.55 0.82
N ALA D 106 -20.77 -10.92 2.02
CA ALA D 106 -20.21 -12.25 2.22
C ALA D 106 -20.73 -12.93 3.48
N GLY D 107 -21.69 -12.33 4.18
CA GLY D 107 -22.19 -12.93 5.40
C GLY D 107 -22.94 -14.22 5.15
N GLY D 108 -23.78 -14.25 4.13
CA GLY D 108 -24.58 -15.41 3.83
C GLY D 108 -26.06 -15.19 4.04
N LEU D 109 -26.44 -13.93 4.26
CA LEU D 109 -27.83 -13.59 4.50
C LEU D 109 -28.56 -13.47 3.16
N LYS D 110 -29.79 -12.95 3.19
CA LYS D 110 -30.56 -12.84 1.96
C LYS D 110 -29.96 -11.81 1.01
N GLU D 111 -29.18 -10.88 1.55
CA GLU D 111 -28.69 -9.75 0.78
C GLU D 111 -27.74 -10.17 -0.34
N MET D 112 -27.16 -11.38 -0.28
CA MET D 112 -26.24 -11.82 -1.32
C MET D 112 -26.89 -11.75 -2.71
N GLU D 113 -27.91 -12.56 -2.94
CA GLU D 113 -28.53 -12.66 -4.26
C GLU D 113 -29.51 -11.50 -4.49
N GLN D 114 -28.96 -10.30 -4.47
CA GLN D 114 -29.75 -9.09 -4.72
C GLN D 114 -28.87 -8.08 -5.43
N GLU D 115 -29.25 -7.72 -6.65
CA GLU D 115 -28.49 -6.72 -7.40
C GLU D 115 -28.60 -5.35 -6.75
N GLU D 116 -29.82 -4.93 -6.45
CA GLU D 116 -30.08 -3.66 -5.80
C GLU D 116 -30.24 -3.87 -4.30
N VAL D 117 -29.49 -3.09 -3.51
CA VAL D 117 -29.57 -3.22 -2.03
C VAL D 117 -29.99 -1.88 -1.43
N LEU D 118 -30.54 -1.90 -0.21
CA LEU D 118 -31.03 -0.64 0.43
C LEU D 118 -30.05 -0.21 1.52
N ILE D 119 -29.50 1.00 1.41
CA ILE D 119 -28.57 1.53 2.44
C ILE D 119 -29.20 2.79 3.05
N HIS D 120 -29.98 2.63 4.12
CA HIS D 120 -30.70 3.80 4.71
C HIS D 120 -29.94 4.28 5.96
N GLY D 121 -30.45 5.32 6.61
CA GLY D 121 -29.76 5.88 7.79
C GLY D 121 -28.51 6.64 7.39
N VAL D 122 -28.19 6.67 6.10
CA VAL D 122 -27.02 7.37 5.61
C VAL D 122 -27.44 8.33 4.51
N SER D 123 -26.61 9.34 4.29
CA SER D 123 -26.88 10.36 3.29
C SER D 123 -26.07 10.09 2.02
N TYR D 124 -26.66 10.48 0.88
CA TYR D 124 -26.04 10.18 -0.41
C TYR D 124 -24.65 10.79 -0.52
N ASN D 125 -24.48 12.02 -0.04
CA ASN D 125 -23.16 12.64 -0.05
C ASN D 125 -22.19 11.82 0.82
N ALA D 126 -22.66 11.37 1.98
CA ALA D 126 -21.80 10.57 2.85
C ALA D 126 -21.43 9.25 2.19
N MET D 127 -22.39 8.60 1.53
CA MET D 127 -22.11 7.34 0.87
C MET D 127 -21.11 7.53 -0.27
N CYS D 128 -21.27 8.60 -1.04
CA CYS D 128 -20.30 8.90 -2.08
C CYS D 128 -18.93 9.14 -1.49
N GLN D 129 -18.86 9.84 -0.36
CA GLN D 129 -17.57 10.13 0.26
C GLN D 129 -16.89 8.85 0.73
N ILE D 130 -17.66 7.95 1.36
CA ILE D 130 -17.06 6.73 1.90
C ILE D 130 -16.63 5.80 0.76
N LEU D 131 -17.44 5.71 -0.30
CA LEU D 131 -17.03 4.95 -1.47
C LEU D 131 -15.77 5.52 -2.09
N HIS D 132 -15.68 6.86 -2.16
CA HIS D 132 -14.46 7.47 -2.68
C HIS D 132 -13.26 7.12 -1.82
N PHE D 133 -13.43 7.13 -0.50
CA PHE D 133 -12.31 6.77 0.37
C PHE D 133 -11.89 5.33 0.11
N ILE D 134 -12.86 4.42 0.03
CA ILE D 134 -12.52 3.01 -0.19
C ILE D 134 -11.79 2.84 -1.51
N TYR D 135 -12.20 3.61 -2.52
CA TYR D 135 -11.64 3.41 -3.85
C TYR D 135 -10.28 4.09 -4.04
N THR D 136 -9.98 5.16 -3.29
CA THR D 136 -8.69 5.81 -3.49
C THR D 136 -8.00 6.24 -2.20
N SER D 137 -8.47 5.80 -1.03
CA SER D 137 -7.80 6.05 0.25
C SER D 137 -7.63 7.53 0.54
N GLU D 138 -8.40 8.39 -0.12
CA GLU D 138 -8.35 9.83 0.10
C GLU D 138 -9.73 10.31 0.51
N LEU D 139 -9.79 11.05 1.62
CA LEU D 139 -11.05 11.54 2.17
C LEU D 139 -11.05 13.06 2.09
N GLU D 140 -11.91 13.61 1.24
CA GLU D 140 -12.08 15.06 1.13
C GLU D 140 -13.14 15.49 2.13
N LEU D 141 -12.70 16.11 3.23
CA LEU D 141 -13.58 16.51 4.31
C LEU D 141 -13.72 18.03 4.29
N SER D 142 -14.96 18.50 4.13
CA SER D 142 -15.29 19.93 4.17
C SER D 142 -16.33 20.14 5.26
N LEU D 143 -16.73 21.40 5.45
CA LEU D 143 -17.69 21.71 6.50
C LEU D 143 -19.03 21.03 6.24
N SER D 144 -19.47 21.03 4.98
CA SER D 144 -20.78 20.47 4.65
C SER D 144 -20.82 18.96 4.91
N ASN D 145 -19.76 18.25 4.54
CA ASN D 145 -19.77 16.79 4.60
C ASN D 145 -19.24 16.25 5.93
N VAL D 146 -19.75 16.80 7.03
CA VAL D 146 -19.47 16.29 8.36
C VAL D 146 -20.79 16.29 9.13
N GLN D 147 -20.90 15.40 10.10
CA GLN D 147 -22.10 15.07 10.87
C GLN D 147 -23.08 14.27 10.03
N GLU D 148 -22.84 14.12 8.73
CA GLU D 148 -23.43 13.05 7.94
C GLU D 148 -22.39 12.02 7.53
N THR D 149 -21.13 12.44 7.42
CA THR D 149 -20.05 11.48 7.25
C THR D 149 -19.70 10.81 8.57
N LEU D 150 -19.87 11.52 9.68
CA LEU D 150 -19.55 10.91 10.98
C LEU D 150 -20.58 9.85 11.36
N VAL D 151 -21.87 10.13 11.14
CA VAL D 151 -22.87 9.11 11.44
C VAL D 151 -22.75 7.92 10.49
N ALA D 152 -22.46 8.18 9.21
CA ALA D 152 -22.23 7.08 8.27
C ALA D 152 -21.01 6.25 8.67
N ALA D 153 -19.96 6.92 9.13
CA ALA D 153 -18.76 6.20 9.55
C ALA D 153 -19.04 5.36 10.79
N CYS D 154 -19.84 5.88 11.71
CA CYS D 154 -20.26 5.08 12.86
C CYS D 154 -21.11 3.89 12.43
N GLN D 155 -21.97 4.09 11.43
CA GLN D 155 -22.70 2.98 10.82
C GLN D 155 -21.76 1.89 10.35
N LEU D 156 -20.95 2.21 9.34
CA LEU D 156 -20.15 1.20 8.66
C LEU D 156 -18.94 0.75 9.46
N GLN D 157 -18.65 1.41 10.58
CA GLN D 157 -17.61 0.97 11.51
C GLN D 157 -16.26 0.82 10.83
N ILE D 158 -15.80 1.89 10.20
CA ILE D 158 -14.47 1.97 9.61
C ILE D 158 -13.62 2.87 10.50
N PRO D 159 -12.62 2.35 11.19
CA PRO D 159 -11.84 3.20 12.11
C PRO D 159 -11.15 4.37 11.43
N GLU D 160 -10.75 4.22 10.17
CA GLU D 160 -10.04 5.30 9.49
C GLU D 160 -10.92 6.53 9.33
N ILE D 161 -12.17 6.33 8.93
CA ILE D 161 -13.07 7.47 8.76
C ILE D 161 -13.41 8.09 10.11
N ILE D 162 -13.55 7.26 11.15
CA ILE D 162 -13.76 7.78 12.49
C ILE D 162 -12.62 8.71 12.89
N HIS D 163 -11.38 8.25 12.69
CA HIS D 163 -10.23 9.08 13.06
C HIS D 163 -10.17 10.36 12.24
N PHE D 164 -10.44 10.26 10.94
CA PHE D 164 -10.40 11.44 10.09
C PHE D 164 -11.45 12.46 10.49
N CYS D 165 -12.67 11.99 10.77
CA CYS D 165 -13.72 12.90 11.21
C CYS D 165 -13.38 13.50 12.57
N CYS D 166 -12.81 12.71 13.46
CA CYS D 166 -12.41 13.25 14.75
C CYS D 166 -11.38 14.35 14.59
N ASP D 167 -10.42 14.16 13.69
CA ASP D 167 -9.44 15.21 13.42
C ASP D 167 -10.11 16.45 12.84
N PHE D 168 -11.06 16.27 11.94
CA PHE D 168 -11.70 17.43 11.33
C PHE D 168 -12.48 18.24 12.37
N LEU D 169 -13.23 17.55 13.23
CA LEU D 169 -13.87 18.28 14.33
C LEU D 169 -12.87 18.83 15.33
N MET D 170 -11.68 18.23 15.42
CA MET D 170 -10.63 18.81 16.24
C MET D 170 -10.22 20.18 15.71
N SER D 171 -10.04 20.28 14.40
CA SER D 171 -9.62 21.55 13.81
C SER D 171 -10.68 22.62 13.99
N TRP D 172 -11.94 22.28 13.77
CA TRP D 172 -13.05 23.23 13.90
C TRP D 172 -13.92 22.79 15.07
N VAL D 173 -13.53 23.19 16.28
CA VAL D 173 -14.22 22.75 17.48
C VAL D 173 -14.88 23.93 18.17
N GLU D 175 -15.21 26.98 21.00
CA GLU D 175 -15.71 27.25 22.33
C GLU D 175 -17.14 27.80 22.29
N GLU D 176 -17.73 27.79 21.10
CA GLU D 176 -19.07 28.33 20.90
C GLU D 176 -20.14 27.25 20.80
N ASN D 177 -19.78 26.07 20.30
CA ASN D 177 -20.72 24.98 20.06
C ASN D 177 -20.15 23.67 20.61
N ILE D 178 -19.65 23.71 21.83
CA ILE D 178 -19.07 22.50 22.41
C ILE D 178 -20.14 21.63 23.04
N LEU D 179 -21.29 22.20 23.40
CA LEU D 179 -22.33 21.41 24.05
C LEU D 179 -22.89 20.36 23.09
N ASP D 180 -23.23 20.78 21.87
CA ASP D 180 -23.78 19.83 20.90
C ASP D 180 -22.75 18.83 20.43
N VAL D 181 -21.49 19.25 20.30
CA VAL D 181 -20.43 18.30 19.94
C VAL D 181 -20.26 17.26 21.04
N TYR D 182 -20.29 17.69 22.30
CA TYR D 182 -20.20 16.73 23.40
C TYR D 182 -21.39 15.79 23.39
N ARG D 183 -22.58 16.32 23.11
CA ARG D 183 -23.76 15.47 23.01
C ARG D 183 -23.59 14.40 21.92
N LEU D 184 -23.11 14.82 20.75
CA LEU D 184 -22.91 13.89 19.65
C LEU D 184 -21.86 12.84 20.01
N ALA D 185 -20.75 13.26 20.61
CA ALA D 185 -19.71 12.31 20.96
C ALA D 185 -20.20 11.31 22.00
N GLU D 186 -20.99 11.79 22.96
CA GLU D 186 -21.54 10.87 23.97
C GLU D 186 -22.51 9.90 23.33
N LEU D 187 -23.30 10.36 22.35
CA LEU D 187 -24.23 9.46 21.68
C LEU D 187 -23.50 8.37 20.91
N PHE D 188 -22.55 8.76 20.05
CA PHE D 188 -21.86 7.79 19.22
C PHE D 188 -20.72 7.09 19.94
N ASP D 189 -20.40 7.53 21.16
CA ASP D 189 -19.47 6.81 22.05
C ASP D 189 -18.09 6.64 21.42
N LEU D 190 -17.43 7.78 21.18
CA LEU D 190 -16.05 7.81 20.73
C LEU D 190 -15.18 8.27 21.90
N SER D 191 -14.33 7.36 22.40
CA SER D 191 -13.48 7.70 23.53
C SER D 191 -12.48 8.79 23.18
N ARG D 192 -11.90 8.71 21.98
CA ARG D 192 -10.89 9.69 21.59
C ARG D 192 -11.48 11.08 21.49
N LEU D 193 -12.65 11.20 20.85
CA LEU D 193 -13.29 12.50 20.76
C LEU D 193 -13.60 13.04 22.15
N THR D 194 -14.06 12.18 23.05
CA THR D 194 -14.41 12.62 24.39
C THR D 194 -13.19 13.14 25.14
N GLU D 195 -12.08 12.40 25.09
CA GLU D 195 -10.97 12.87 25.92
C GLU D 195 -10.29 14.08 25.27
N GLN D 196 -10.32 14.18 23.95
CA GLN D 196 -9.82 15.39 23.31
C GLN D 196 -10.69 16.59 23.66
N LEU D 197 -12.01 16.40 23.70
CA LEU D 197 -12.90 17.48 24.11
C LEU D 197 -12.65 17.89 25.55
N ASP D 198 -12.39 16.91 26.43
CA ASP D 198 -12.05 17.23 27.80
C ASP D 198 -10.76 18.02 27.88
N THR D 199 -9.75 17.64 27.10
CA THR D 199 -8.50 18.39 27.08
C THR D 199 -8.72 19.81 26.57
N TYR D 200 -9.59 19.97 25.55
CA TYR D 200 -9.89 21.30 25.03
C TYR D 200 -10.58 22.16 26.07
N ILE D 201 -11.52 21.56 26.83
CA ILE D 201 -12.16 22.29 27.92
C ILE D 201 -11.13 22.69 28.97
N LEU D 202 -10.20 21.79 29.27
CA LEU D 202 -9.13 22.13 30.22
C LEU D 202 -8.29 23.29 29.72
N LYS D 203 -7.97 23.30 28.42
CA LYS D 203 -7.20 24.41 27.86
C LYS D 203 -7.98 25.71 27.90
N ASN D 204 -9.32 25.64 27.91
CA ASN D 204 -10.14 26.83 27.99
C ASN D 204 -10.00 27.49 29.36
#